data_7XML
#
_entry.id   7XML
#
_cell.length_a   1.00
_cell.length_b   1.00
_cell.length_c   1.00
_cell.angle_alpha   90.00
_cell.angle_beta   90.00
_cell.angle_gamma   90.00
#
_symmetry.space_group_name_H-M   'P 1'
#
loop_
_entity.id
_entity.type
_entity.pdbx_description
1 polymer Enolase
2 polymer 'Putative gene 60 protein'
3 non-polymer 'MAGNESIUM ION'
#
loop_
_entity_poly.entity_id
_entity_poly.type
_entity_poly.pdbx_seq_one_letter_code
_entity_poly.pdbx_strand_id
1 'polypeptide(L)'
;MPYIVDVYAREVLDSRGNPTVEVEVYTETGAFGRALVPSGASTGEYEAVELRDGDKDRYLGKGVLTAVNNVNEIIAPELL
GFDVTEQNAIDQLLIELDGTENKGKLGANAILGVSMACARAAADFLQIPLYQYLGGFNSKTLPVPMMNIVNGGEHADNNV
DIQEFMIMPVGAPNFREALRMGAQIFHSLKSVLSAKGLNTAVGDEGGFAPNLGSNEEALQTIVEAIEKAGFKPGEEVKLA
MDAASSEFYNKEDGKYHLSGEGVVKTSAEMVDWYEELVSKYPIISIEDGLDENDWEGHKLLTERLGKKVQLVGDDLFVTN
TKKLSEGIKNGVGNSILIKVNQIGTLTETFDAIEMAKRAGYTAVISHRSGETEDSTIADIAVATNAGQIKTGAPSRTDRV
AKYNQLLRIEDQLAETAQYHGINSFYNLNK
;
A,B
2 'polypeptide(L)' MLNQVEVLREEYVEGYVVQMWRRNPSNAPVIEVFTEDNLEEGIIPEYVTANDDTFDRIVDAVEFGYLEELELV C,D
#
loop_
_chem_comp.id
_chem_comp.type
_chem_comp.name
_chem_comp.formula
MG non-polymer 'MAGNESIUM ION' 'Mg 2'
#
# COMPACT_ATOMS: atom_id res chain seq x y z
N MET A 1 29.26 0.49 -2.02
CA MET A 1 29.86 1.17 -3.17
C MET A 1 29.38 2.62 -3.41
N PRO A 2 28.06 2.95 -3.30
CA PRO A 2 27.75 4.39 -3.49
C PRO A 2 27.75 5.20 -2.21
N TYR A 3 28.93 5.49 -1.68
CA TYR A 3 29.03 6.22 -0.44
C TYR A 3 28.91 7.73 -0.68
N ILE A 4 28.26 8.42 0.25
CA ILE A 4 28.10 9.86 0.16
C ILE A 4 29.42 10.53 0.52
N VAL A 5 29.85 11.48 -0.31
CA VAL A 5 31.07 12.23 -0.02
C VAL A 5 30.82 13.71 0.23
N ASP A 6 29.76 14.30 -0.33
CA ASP A 6 29.50 15.72 -0.20
C ASP A 6 28.01 15.97 -0.08
N VAL A 7 27.57 16.57 1.01
CA VAL A 7 26.25 17.14 1.14
C VAL A 7 26.41 18.64 1.29
N TYR A 8 25.76 19.40 0.43
CA TYR A 8 26.07 20.81 0.31
C TYR A 8 24.82 21.57 -0.14
N ALA A 9 24.45 22.58 0.62
CA ALA A 9 23.30 23.42 0.31
C ALA A 9 23.77 24.82 -0.03
N ARG A 10 23.04 25.48 -0.92
CA ARG A 10 23.40 26.82 -1.36
C ARG A 10 22.13 27.64 -1.48
N GLU A 11 22.29 28.89 -1.91
CA GLU A 11 21.19 29.84 -2.05
C GLU A 11 21.06 30.24 -3.50
N VAL A 12 19.88 30.00 -4.09
CA VAL A 12 19.58 30.42 -5.45
C VAL A 12 18.25 31.17 -5.44
N LEU A 13 18.00 31.88 -6.53
CA LEU A 13 16.79 32.68 -6.69
C LEU A 13 15.81 31.98 -7.62
N ASP A 14 14.53 32.15 -7.33
CA ASP A 14 13.47 31.54 -8.13
C ASP A 14 13.04 32.50 -9.23
N SER A 15 11.90 32.22 -9.86
CA SER A 15 11.33 33.14 -10.83
C SER A 15 10.78 34.40 -10.16
N ARG A 16 10.35 34.29 -8.91
CA ARG A 16 9.86 35.45 -8.18
C ARG A 16 10.98 36.33 -7.64
N GLY A 17 12.22 35.87 -7.69
CA GLY A 17 13.31 36.59 -7.08
C GLY A 17 13.50 36.32 -5.60
N ASN A 18 12.71 35.44 -5.02
CA ASN A 18 12.90 35.08 -3.63
C ASN A 18 14.07 34.10 -3.50
N PRO A 19 14.82 34.19 -2.40
CA PRO A 19 15.91 33.24 -2.19
C PRO A 19 15.38 31.87 -1.79
N THR A 20 15.83 30.84 -2.49
CA THR A 20 15.50 29.46 -2.18
C THR A 20 16.78 28.68 -1.88
N VAL A 21 16.64 27.66 -1.06
CA VAL A 21 17.75 26.84 -0.61
C VAL A 21 17.73 25.53 -1.38
N GLU A 22 18.88 25.12 -1.89
CA GLU A 22 19.00 24.01 -2.82
C GLU A 22 20.03 23.01 -2.30
N VAL A 23 19.59 21.82 -1.94
CA VAL A 23 20.44 20.80 -1.33
C VAL A 23 20.93 19.84 -2.41
N GLU A 24 22.23 19.56 -2.41
CA GLU A 24 22.83 18.63 -3.36
C GLU A 24 23.55 17.52 -2.61
N VAL A 25 23.53 16.32 -3.17
CA VAL A 25 24.19 15.16 -2.58
C VAL A 25 25.01 14.47 -3.66
N TYR A 26 26.32 14.38 -3.44
CA TYR A 26 27.23 13.69 -4.34
C TYR A 26 27.50 12.29 -3.83
N THR A 27 27.99 11.43 -4.71
CA THR A 27 28.39 10.08 -4.35
C THR A 27 29.83 9.83 -4.78
N GLU A 28 30.28 8.58 -4.63
CA GLU A 28 31.59 8.21 -5.13
C GLU A 28 31.57 7.87 -6.60
N THR A 29 30.54 7.16 -7.06
CA THR A 29 30.48 6.71 -8.43
C THR A 29 30.04 7.82 -9.38
N GLY A 30 29.50 8.92 -8.87
CA GLY A 30 29.05 10.00 -9.72
C GLY A 30 27.55 10.23 -9.74
N ALA A 31 26.78 9.51 -8.93
CA ALA A 31 25.36 9.75 -8.84
C ALA A 31 25.10 11.10 -8.16
N PHE A 32 23.92 11.63 -8.39
CA PHE A 32 23.67 13.04 -8.09
C PHE A 32 22.21 13.26 -7.77
N GLY A 33 21.93 13.92 -6.65
CA GLY A 33 20.58 14.26 -6.29
C GLY A 33 20.47 15.75 -6.04
N ARG A 34 19.24 16.26 -6.15
CA ARG A 34 19.00 17.68 -6.01
C ARG A 34 17.55 17.91 -5.62
N ALA A 35 17.34 18.65 -4.53
CA ALA A 35 16.00 18.93 -4.05
C ALA A 35 15.95 20.36 -3.54
N LEU A 36 14.75 20.93 -3.55
CA LEU A 36 14.54 22.29 -3.09
C LEU A 36 13.99 22.31 -1.68
N VAL A 37 14.57 23.15 -0.84
CA VAL A 37 14.07 23.34 0.52
C VAL A 37 12.86 24.28 0.46
N PRO A 38 11.72 23.87 1.01
CA PRO A 38 10.56 24.76 1.04
C PRO A 38 10.80 25.95 1.94
N SER A 39 10.03 27.00 1.70
CA SER A 39 10.12 28.23 2.46
C SER A 39 8.72 28.76 2.76
N GLY A 40 7.90 27.91 3.37
CA GLY A 40 6.49 28.18 3.55
C GLY A 40 6.10 28.75 4.89
N ALA A 41 4.91 28.35 5.34
CA ALA A 41 4.33 28.84 6.58
C ALA A 41 4.45 27.77 7.68
N SER A 42 4.37 28.24 8.92
CA SER A 42 4.57 27.38 10.09
C SER A 42 3.33 27.34 10.97
N THR A 43 2.16 27.17 10.35
CA THR A 43 0.92 27.09 11.11
C THR A 43 0.86 25.78 11.89
N GLY A 44 0.08 25.81 12.98
CA GLY A 44 -0.03 24.66 13.85
C GLY A 44 1.05 24.63 14.92
N GLU A 45 0.80 23.84 15.96
CA GLU A 45 1.73 23.73 17.07
C GLU A 45 2.03 22.27 17.40
N TYR A 46 1.11 21.38 17.09
CA TYR A 46 1.27 19.95 17.37
C TYR A 46 1.96 19.20 16.25
N GLU A 47 2.48 19.90 15.26
CA GLU A 47 3.17 19.29 14.13
C GLU A 47 4.56 19.88 13.99
N ALA A 48 5.27 19.41 12.96
CA ALA A 48 6.65 19.84 12.72
C ALA A 48 6.66 21.24 12.13
N VAL A 49 7.30 22.17 12.82
CA VAL A 49 7.33 23.57 12.40
C VAL A 49 8.53 23.79 11.50
N GLU A 50 8.39 24.73 10.56
CA GLU A 50 9.46 25.09 9.65
C GLU A 50 10.19 26.31 10.21
N LEU A 51 11.50 26.35 9.99
CA LEU A 51 12.38 27.31 10.64
C LEU A 51 13.02 28.21 9.59
N ARG A 52 12.75 29.50 9.67
CA ARG A 52 13.42 30.52 8.87
C ARG A 52 14.11 31.50 9.81
N ASP A 53 14.70 32.55 9.25
CA ASP A 53 15.24 33.61 10.08
C ASP A 53 14.11 34.43 10.70
N GLY A 54 12.97 34.53 10.02
CA GLY A 54 11.89 35.35 10.51
C GLY A 54 12.12 36.83 10.36
N ASP A 55 13.09 37.23 9.55
CA ASP A 55 13.45 38.64 9.42
C ASP A 55 12.50 39.29 8.43
N LYS A 56 11.68 40.23 8.92
CA LYS A 56 10.75 40.95 8.06
C LYS A 56 11.47 41.93 7.13
N ASP A 57 12.69 42.33 7.47
CA ASP A 57 13.49 43.15 6.57
C ASP A 57 14.14 42.33 5.47
N ARG A 58 14.17 41.01 5.60
CA ARG A 58 14.72 40.10 4.60
C ARG A 58 13.61 39.18 4.13
N TYR A 59 12.84 39.65 3.15
CA TYR A 59 11.79 38.89 2.45
C TYR A 59 10.70 38.40 3.40
N LEU A 60 10.22 39.32 4.25
CA LEU A 60 9.04 39.17 5.13
C LEU A 60 9.09 37.95 6.04
N GLY A 61 10.29 37.48 6.36
CA GLY A 61 10.47 36.34 7.23
C GLY A 61 10.80 35.04 6.53
N LYS A 62 11.57 35.08 5.45
CA LYS A 62 11.98 33.90 4.70
C LYS A 62 13.50 33.85 4.56
N GLY A 63 14.20 34.06 5.67
CA GLY A 63 15.65 34.07 5.65
C GLY A 63 16.25 32.68 5.48
N VAL A 64 17.44 32.67 4.89
CA VAL A 64 18.06 31.43 4.41
C VAL A 64 19.32 31.05 5.17
N LEU A 65 19.89 31.95 5.96
CA LEU A 65 21.20 31.68 6.57
C LEU A 65 21.08 30.61 7.65
N THR A 66 20.05 30.69 8.48
CA THR A 66 19.84 29.68 9.50
C THR A 66 19.30 28.37 8.94
N ALA A 67 18.90 28.35 7.67
CA ALA A 67 18.51 27.11 7.03
C ALA A 67 19.65 26.47 6.25
N VAL A 68 20.63 27.25 5.82
CA VAL A 68 21.75 26.68 5.08
C VAL A 68 22.92 26.34 6.01
N ASN A 69 23.04 27.03 7.15
CA ASN A 69 24.11 26.69 8.08
C ASN A 69 23.81 25.38 8.80
N ASN A 70 22.52 25.11 9.07
CA ASN A 70 22.15 23.84 9.69
C ASN A 70 22.41 22.66 8.78
N VAL A 71 22.41 22.86 7.47
CA VAL A 71 22.73 21.78 6.56
C VAL A 71 24.24 21.66 6.39
N ASN A 72 24.93 22.79 6.23
CA ASN A 72 26.36 22.75 5.92
C ASN A 72 27.24 22.46 7.12
N GLU A 73 26.78 22.69 8.36
CA GLU A 73 27.68 22.57 9.50
C GLU A 73 27.22 21.59 10.56
N ILE A 74 26.03 21.02 10.45
CA ILE A 74 25.53 20.04 11.41
C ILE A 74 25.15 18.73 10.73
N ILE A 75 24.30 18.82 9.70
CA ILE A 75 23.82 17.61 9.03
C ILE A 75 24.91 17.01 8.14
N ALA A 76 25.69 17.86 7.48
CA ALA A 76 26.71 17.36 6.57
C ALA A 76 27.86 16.59 7.22
N PRO A 77 28.43 16.96 8.38
CA PRO A 77 29.49 16.10 8.95
C PRO A 77 29.01 14.75 9.48
N GLU A 78 27.71 14.51 9.57
CA GLU A 78 27.19 13.24 10.03
C GLU A 78 26.81 12.31 8.88
N LEU A 79 27.01 12.72 7.63
CA LEU A 79 26.60 11.91 6.49
C LEU A 79 27.74 11.63 5.52
N LEU A 80 28.99 11.75 5.95
CA LEU A 80 30.07 11.27 5.11
C LEU A 80 30.24 9.78 5.26
N GLY A 81 30.62 9.13 4.16
CA GLY A 81 30.92 7.71 4.17
C GLY A 81 29.74 6.82 4.42
N PHE A 82 28.53 7.32 4.25
CA PHE A 82 27.32 6.58 4.55
C PHE A 82 26.72 6.10 3.23
N ASP A 83 26.06 4.95 3.27
CA ASP A 83 25.53 4.37 2.04
C ASP A 83 24.24 5.09 1.65
N VAL A 84 24.10 5.40 0.38
CA VAL A 84 23.02 6.29 -0.05
C VAL A 84 21.74 5.54 -0.41
N THR A 85 21.82 4.22 -0.61
CA THR A 85 20.63 3.45 -0.93
C THR A 85 19.94 2.90 0.30
N GLU A 86 20.20 3.47 1.48
CA GLU A 86 19.57 3.06 2.72
C GLU A 86 18.80 4.26 3.24
N GLN A 87 17.54 4.37 2.83
CA GLN A 87 16.77 5.56 3.13
C GLN A 87 16.29 5.58 4.57
N ASN A 88 15.96 4.41 5.13
CA ASN A 88 15.40 4.38 6.48
C ASN A 88 16.43 4.71 7.54
N ALA A 89 17.68 4.29 7.32
CA ALA A 89 18.74 4.62 8.27
C ALA A 89 19.05 6.10 8.27
N ILE A 90 19.00 6.75 7.10
CA ILE A 90 19.20 8.19 7.02
C ILE A 90 18.05 8.93 7.69
N ASP A 91 16.82 8.47 7.47
CA ASP A 91 15.68 9.13 8.10
C ASP A 91 15.63 8.91 9.61
N GLN A 92 16.26 7.84 10.12
CA GLN A 92 16.36 7.75 11.56
C GLN A 92 17.52 8.59 12.11
N LEU A 93 18.61 8.69 11.36
CA LEU A 93 19.76 9.50 11.78
C LEU A 93 19.41 10.98 11.84
N LEU A 94 18.59 11.46 10.91
CA LEU A 94 18.24 12.88 10.91
C LEU A 94 17.34 13.24 12.09
N ILE A 95 16.43 12.35 12.45
CA ILE A 95 15.57 12.60 13.59
C ILE A 95 16.36 12.49 14.89
N GLU A 96 17.35 11.60 14.95
CA GLU A 96 18.20 11.55 16.13
C GLU A 96 19.10 12.78 16.24
N LEU A 97 19.52 13.36 15.12
CA LEU A 97 20.24 14.64 15.19
C LEU A 97 19.33 15.78 15.60
N ASP A 98 18.05 15.72 15.22
CA ASP A 98 17.13 16.78 15.59
C ASP A 98 16.85 16.77 17.09
N GLY A 99 16.29 15.67 17.59
CA GLY A 99 16.13 15.50 19.02
C GLY A 99 14.74 15.77 19.55
N THR A 100 14.12 16.87 19.11
CA THR A 100 12.82 17.23 19.63
C THR A 100 11.71 16.62 18.77
N GLU A 101 10.46 16.95 19.11
CA GLU A 101 9.32 16.33 18.45
C GLU A 101 8.85 17.13 17.24
N ASN A 102 8.79 18.45 17.36
CA ASN A 102 8.30 19.31 16.30
C ASN A 102 9.38 19.76 15.33
N LYS A 103 10.53 19.06 15.29
CA LYS A 103 11.65 19.30 14.39
C LYS A 103 12.22 20.71 14.53
N GLY A 104 12.09 21.31 15.70
CA GLY A 104 12.38 22.72 15.86
C GLY A 104 13.84 23.07 16.04
N LYS A 105 14.71 22.06 16.05
CA LYS A 105 16.14 22.30 16.19
C LYS A 105 16.82 22.54 14.85
N LEU A 106 16.48 21.76 13.83
CA LEU A 106 17.03 21.93 12.49
C LEU A 106 16.02 22.49 11.51
N GLY A 107 14.75 22.55 11.87
CA GLY A 107 13.73 22.95 10.94
C GLY A 107 13.20 21.76 10.18
N ALA A 108 11.89 21.72 9.95
CA ALA A 108 11.32 20.62 9.19
C ALA A 108 11.52 20.77 7.70
N ASN A 109 12.16 21.84 7.24
CA ASN A 109 12.48 22.03 5.85
C ASN A 109 13.90 21.61 5.50
N ALA A 110 14.85 21.77 6.42
CA ALA A 110 16.20 21.34 6.15
C ALA A 110 16.36 19.83 6.21
N ILE A 111 15.49 19.14 6.93
CA ILE A 111 15.55 17.69 6.95
C ILE A 111 14.92 17.10 5.71
N LEU A 112 13.82 17.69 5.24
CA LEU A 112 13.13 17.18 4.06
C LEU A 112 13.97 17.34 2.80
N GLY A 113 14.73 18.42 2.70
CA GLY A 113 15.59 18.61 1.54
C GLY A 113 16.68 17.56 1.43
N VAL A 114 17.31 17.24 2.56
CA VAL A 114 18.33 16.19 2.57
C VAL A 114 17.69 14.83 2.35
N SER A 115 16.52 14.58 2.92
CA SER A 115 15.92 13.27 2.80
C SER A 115 15.22 13.06 1.47
N MET A 116 15.10 14.07 0.61
CA MET A 116 14.73 13.82 -0.77
C MET A 116 15.90 13.88 -1.72
N ALA A 117 16.96 14.62 -1.41
CA ALA A 117 18.16 14.54 -2.23
C ALA A 117 18.81 13.17 -2.12
N CYS A 118 18.82 12.59 -0.93
CA CYS A 118 19.35 11.25 -0.75
C CYS A 118 18.41 10.17 -1.23
N ALA A 119 17.23 10.51 -1.75
CA ALA A 119 16.38 9.54 -2.43
C ALA A 119 16.29 9.79 -3.92
N ARG A 120 16.68 10.97 -4.39
CA ARG A 120 16.86 11.17 -5.82
C ARG A 120 18.25 10.78 -6.27
N ALA A 121 19.21 10.67 -5.36
CA ALA A 121 20.52 10.13 -5.74
C ALA A 121 20.51 8.62 -5.84
N ALA A 122 19.75 7.94 -4.99
CA ALA A 122 19.70 6.49 -5.04
C ALA A 122 18.95 6.00 -6.26
N ALA A 123 17.96 6.76 -6.72
CA ALA A 123 17.29 6.39 -7.95
C ALA A 123 18.14 6.67 -9.18
N ASP A 124 19.11 7.56 -9.07
CA ASP A 124 20.05 7.76 -10.15
C ASP A 124 21.13 6.69 -10.15
N PHE A 125 21.48 6.19 -8.97
CA PHE A 125 22.51 5.16 -8.91
C PHE A 125 22.02 3.83 -9.45
N LEU A 126 20.79 3.44 -9.14
CA LEU A 126 20.26 2.15 -9.57
C LEU A 126 19.73 2.17 -11.00
N GLN A 127 19.65 3.35 -11.62
CA GLN A 127 19.10 3.55 -12.96
C GLN A 127 17.66 3.04 -13.09
N ILE A 128 16.84 3.34 -12.08
CA ILE A 128 15.40 3.10 -12.15
C ILE A 128 14.72 4.44 -11.96
N PRO A 129 13.49 4.60 -12.45
CA PRO A 129 12.77 5.85 -12.22
C PRO A 129 12.39 6.01 -10.77
N LEU A 130 12.16 7.25 -10.36
CA LEU A 130 11.97 7.54 -8.94
C LEU A 130 10.65 7.02 -8.42
N TYR A 131 9.61 6.97 -9.25
CA TYR A 131 8.35 6.40 -8.79
C TYR A 131 8.39 4.89 -8.64
N GLN A 132 9.44 4.21 -9.11
CA GLN A 132 9.62 2.80 -8.83
C GLN A 132 10.61 2.53 -7.71
N TYR A 133 11.50 3.47 -7.42
CA TYR A 133 12.34 3.31 -6.24
C TYR A 133 11.50 3.46 -4.99
N LEU A 134 10.54 4.37 -4.99
CA LEU A 134 9.75 4.64 -3.80
C LEU A 134 8.59 3.68 -3.65
N GLY A 135 8.14 3.03 -4.71
CA GLY A 135 6.87 2.34 -4.64
C GLY A 135 6.80 0.96 -5.22
N GLY A 136 7.90 0.42 -5.72
CA GLY A 136 7.89 -0.97 -6.14
C GLY A 136 7.94 -1.12 -7.64
N PHE A 137 7.28 -2.14 -8.18
CA PHE A 137 7.06 -2.21 -9.62
C PHE A 137 5.63 -1.88 -9.99
N ASN A 138 4.69 -2.14 -9.10
CA ASN A 138 3.28 -1.91 -9.37
C ASN A 138 2.85 -0.56 -8.81
N SER A 139 3.53 0.49 -9.29
CA SER A 139 3.16 1.86 -8.99
C SER A 139 2.89 2.48 -10.34
N LYS A 140 1.63 2.50 -10.73
CA LYS A 140 1.29 2.89 -12.09
C LYS A 140 0.01 3.71 -12.18
N THR A 141 -0.48 4.26 -11.08
CA THR A 141 -1.83 4.82 -11.03
C THR A 141 -1.76 6.30 -10.73
N LEU A 142 -1.94 7.14 -11.73
CA LEU A 142 -1.80 8.58 -11.56
C LEU A 142 -2.99 9.17 -10.82
N PRO A 143 -2.79 10.20 -10.01
CA PRO A 143 -3.87 10.72 -9.17
C PRO A 143 -4.84 11.59 -9.95
N VAL A 144 -5.86 12.07 -9.25
CA VAL A 144 -6.89 12.93 -9.80
C VAL A 144 -6.56 14.37 -9.41
N PRO A 145 -6.36 15.28 -10.36
CA PRO A 145 -5.97 16.63 -9.98
C PRO A 145 -7.14 17.43 -9.42
N MET A 146 -6.91 18.10 -8.30
CA MET A 146 -7.87 19.01 -7.69
C MET A 146 -7.41 20.41 -8.02
N MET A 147 -8.18 21.12 -8.84
CA MET A 147 -7.70 22.29 -9.54
C MET A 147 -8.49 23.52 -9.08
N ASN A 148 -7.83 24.42 -8.37
CA ASN A 148 -8.51 25.56 -7.76
C ASN A 148 -9.02 26.51 -8.84
N ILE A 149 -10.30 26.88 -8.74
CA ILE A 149 -10.98 27.58 -9.83
C ILE A 149 -11.56 28.92 -9.40
N VAL A 150 -12.18 29.01 -8.22
CA VAL A 150 -12.77 30.26 -7.74
C VAL A 150 -12.37 30.43 -6.28
N ASN A 151 -11.75 31.57 -5.96
CA ASN A 151 -11.38 31.87 -4.59
C ASN A 151 -12.46 32.73 -3.93
N GLY A 152 -12.36 32.84 -2.62
CA GLY A 152 -13.29 33.65 -1.86
C GLY A 152 -12.85 33.72 -0.41
N GLY A 153 -13.61 34.47 0.37
CA GLY A 153 -13.31 34.59 1.78
C GLY A 153 -12.15 35.51 2.08
N GLU A 154 -11.07 34.94 2.64
CA GLU A 154 -9.92 35.76 3.00
C GLU A 154 -9.10 36.15 1.77
N HIS A 155 -9.04 35.28 0.76
CA HIS A 155 -8.20 35.50 -0.41
C HIS A 155 -8.71 36.60 -1.34
N ALA A 156 -9.92 37.10 -1.14
CA ALA A 156 -10.47 38.10 -2.05
C ALA A 156 -11.35 39.06 -1.26
N ASP A 157 -11.90 40.03 -1.97
CA ASP A 157 -12.85 41.00 -1.42
C ASP A 157 -14.20 40.79 -2.10
N ASN A 158 -14.96 39.85 -1.58
CA ASN A 158 -16.27 39.51 -2.12
C ASN A 158 -17.08 38.86 -1.02
N ASN A 159 -18.36 38.62 -1.30
CA ASN A 159 -19.27 38.05 -0.33
C ASN A 159 -19.33 36.53 -0.38
N VAL A 160 -18.28 35.88 -0.86
CA VAL A 160 -18.20 34.43 -0.87
C VAL A 160 -17.51 33.98 0.40
N ASP A 161 -18.18 33.14 1.17
CA ASP A 161 -17.68 32.73 2.47
C ASP A 161 -16.78 31.50 2.41
N ILE A 162 -17.03 30.60 1.47
CA ILE A 162 -16.15 29.46 1.27
C ILE A 162 -14.85 29.96 0.66
N GLN A 163 -13.72 29.41 1.12
CA GLN A 163 -12.43 29.95 0.69
C GLN A 163 -12.11 29.56 -0.75
N GLU A 164 -12.09 28.27 -1.05
CA GLU A 164 -11.67 27.77 -2.35
C GLU A 164 -12.68 26.78 -2.89
N PHE A 165 -13.07 26.96 -4.14
CA PHE A 165 -13.84 25.96 -4.88
C PHE A 165 -12.90 25.25 -5.84
N MET A 166 -13.04 23.94 -5.96
CA MET A 166 -12.14 23.14 -6.77
C MET A 166 -12.96 22.30 -7.73
N ILE A 167 -12.36 21.91 -8.85
CA ILE A 167 -12.98 20.94 -9.74
C ILE A 167 -12.10 19.71 -9.79
N MET A 168 -12.71 18.57 -10.02
CA MET A 168 -12.04 17.28 -9.98
C MET A 168 -12.52 16.46 -11.16
N PRO A 169 -11.83 16.51 -12.28
CA PRO A 169 -12.29 15.75 -13.44
C PRO A 169 -12.08 14.26 -13.27
N VAL A 170 -13.17 13.54 -13.00
CA VAL A 170 -13.11 12.10 -12.73
C VAL A 170 -13.64 11.27 -13.88
N GLY A 171 -14.14 11.88 -14.94
CA GLY A 171 -14.68 11.12 -16.03
C GLY A 171 -13.73 11.02 -17.21
N ALA A 172 -12.50 11.17 -16.97
CA ALA A 172 -11.55 11.14 -18.06
C ALA A 172 -10.87 9.78 -18.15
N PRO A 173 -10.46 9.34 -19.34
CA PRO A 173 -9.80 8.03 -19.42
C PRO A 173 -8.39 8.01 -18.86
N ASN A 174 -7.58 9.03 -19.14
CA ASN A 174 -6.21 9.08 -18.63
C ASN A 174 -5.94 10.50 -18.16
N PHE A 175 -4.73 10.71 -17.63
CA PHE A 175 -4.42 11.97 -16.96
C PHE A 175 -4.38 13.15 -17.93
N ARG A 176 -3.97 12.90 -19.17
CA ARG A 176 -3.81 13.98 -20.13
C ARG A 176 -5.17 14.55 -20.54
N GLU A 177 -6.17 13.69 -20.72
CA GLU A 177 -7.52 14.20 -20.94
C GLU A 177 -8.08 14.88 -19.72
N ALA A 178 -7.71 14.41 -18.52
CA ALA A 178 -8.16 15.04 -17.29
C ALA A 178 -7.58 16.43 -17.13
N LEU A 179 -6.43 16.67 -17.72
CA LEU A 179 -5.86 18.01 -17.67
C LEU A 179 -6.45 18.89 -18.77
N ARG A 180 -6.74 18.31 -19.94
CA ARG A 180 -7.33 19.08 -21.03
C ARG A 180 -8.74 19.54 -20.68
N MET A 181 -9.50 18.71 -19.96
CA MET A 181 -10.84 19.08 -19.53
C MET A 181 -10.83 20.31 -18.63
N GLY A 182 -9.90 20.35 -17.69
CA GLY A 182 -9.78 21.52 -16.84
C GLY A 182 -9.32 22.74 -17.59
N ALA A 183 -8.42 22.54 -18.58
CA ALA A 183 -7.98 23.65 -19.41
C ALA A 183 -9.11 24.25 -20.22
N GLN A 184 -10.11 23.45 -20.55
CA GLN A 184 -11.27 24.01 -21.25
C GLN A 184 -12.31 24.61 -20.30
N ILE A 185 -12.45 24.05 -19.09
CA ILE A 185 -13.40 24.60 -18.12
C ILE A 185 -12.99 25.99 -17.67
N PHE A 186 -11.67 26.22 -17.52
CA PHE A 186 -11.22 27.57 -17.17
C PHE A 186 -11.55 28.60 -18.24
N HIS A 187 -11.42 28.23 -19.51
CA HIS A 187 -11.79 29.13 -20.59
C HIS A 187 -13.28 29.40 -20.61
N SER A 188 -14.09 28.38 -20.35
CA SER A 188 -15.54 28.58 -20.32
C SER A 188 -15.95 29.47 -19.15
N LEU A 189 -15.30 29.33 -18.00
CA LEU A 189 -15.64 30.18 -16.87
C LEU A 189 -15.19 31.61 -17.10
N LYS A 190 -14.04 31.81 -17.76
CA LYS A 190 -13.63 33.17 -18.09
C LYS A 190 -14.60 33.81 -19.07
N SER A 191 -15.16 33.02 -20.00
CA SER A 191 -16.18 33.52 -20.90
C SER A 191 -17.45 33.91 -20.15
N VAL A 192 -17.89 33.09 -19.19
CA VAL A 192 -19.10 33.39 -18.43
C VAL A 192 -18.91 34.63 -17.57
N LEU A 193 -17.77 34.73 -16.88
CA LEU A 193 -17.52 35.88 -16.02
C LEU A 193 -17.32 37.16 -16.82
N SER A 194 -16.79 37.06 -18.04
CA SER A 194 -16.73 38.26 -18.87
C SER A 194 -18.09 38.61 -19.44
N ALA A 195 -18.97 37.62 -19.62
CA ALA A 195 -20.33 37.92 -20.03
C ALA A 195 -21.10 38.62 -18.92
N LYS A 196 -20.88 38.24 -17.67
CA LYS A 196 -21.50 38.95 -16.56
C LYS A 196 -20.89 40.32 -16.32
N GLY A 197 -19.68 40.57 -16.81
CA GLY A 197 -19.02 41.83 -16.55
C GLY A 197 -18.34 41.88 -15.19
N LEU A 198 -17.40 40.98 -14.95
CA LEU A 198 -16.64 40.93 -13.71
C LEU A 198 -15.14 40.93 -14.03
N ASN A 199 -14.34 40.86 -12.97
CA ASN A 199 -12.90 40.83 -13.13
C ASN A 199 -12.44 39.40 -13.36
N THR A 200 -11.69 39.18 -14.44
CA THR A 200 -11.25 37.84 -14.82
C THR A 200 -9.75 37.65 -14.62
N ALA A 201 -9.14 38.42 -13.73
CA ALA A 201 -7.72 38.26 -13.47
C ALA A 201 -7.48 37.04 -12.60
N VAL A 202 -6.30 36.45 -12.75
CA VAL A 202 -5.96 35.23 -12.01
C VAL A 202 -5.61 35.61 -10.57
N GLY A 203 -6.27 34.98 -9.62
CA GLY A 203 -6.08 35.28 -8.21
C GLY A 203 -4.87 34.61 -7.59
N ASP A 204 -5.05 34.08 -6.38
CA ASP A 204 -3.90 33.61 -5.61
C ASP A 204 -3.39 32.25 -6.10
N GLU A 205 -4.15 31.20 -5.87
CA GLU A 205 -3.66 29.86 -6.13
C GLU A 205 -3.90 29.40 -7.55
N GLY A 206 -4.25 30.31 -8.45
CA GLY A 206 -4.53 29.98 -9.83
C GLY A 206 -5.96 30.21 -10.24
N GLY A 207 -6.88 30.24 -9.29
CA GLY A 207 -8.27 30.47 -9.61
C GLY A 207 -8.59 31.93 -9.80
N PHE A 208 -9.85 32.19 -10.12
CA PHE A 208 -10.31 33.55 -10.29
C PHE A 208 -10.73 34.13 -8.94
N ALA A 209 -11.04 35.42 -8.95
CA ALA A 209 -11.58 36.08 -7.76
C ALA A 209 -12.51 37.20 -8.20
N PRO A 210 -13.73 36.87 -8.60
CA PRO A 210 -14.65 37.90 -9.08
C PRO A 210 -15.38 38.58 -7.93
N ASN A 211 -16.35 39.43 -8.25
CA ASN A 211 -17.17 40.11 -7.26
C ASN A 211 -18.54 39.44 -7.29
N LEU A 212 -18.70 38.40 -6.48
CA LEU A 212 -19.95 37.64 -6.42
C LEU A 212 -20.75 38.02 -5.18
N GLY A 213 -21.97 37.50 -5.10
CA GLY A 213 -22.89 37.89 -4.05
C GLY A 213 -23.11 36.87 -2.96
N SER A 214 -23.03 35.59 -3.30
CA SER A 214 -23.28 34.54 -2.33
C SER A 214 -22.53 33.28 -2.76
N ASN A 215 -22.59 32.26 -1.90
CA ASN A 215 -22.01 30.97 -2.26
C ASN A 215 -22.83 30.29 -3.35
N GLU A 216 -24.15 30.50 -3.33
CA GLU A 216 -25.02 29.89 -4.33
C GLU A 216 -24.79 30.47 -5.71
N GLU A 217 -24.42 31.75 -5.80
CA GLU A 217 -24.12 32.35 -7.09
C GLU A 217 -22.85 31.75 -7.69
N ALA A 218 -21.85 31.50 -6.85
CA ALA A 218 -20.63 30.87 -7.33
C ALA A 218 -20.88 29.43 -7.75
N LEU A 219 -21.68 28.69 -6.99
CA LEU A 219 -21.99 27.33 -7.39
C LEU A 219 -22.92 27.26 -8.59
N GLN A 220 -23.69 28.31 -8.86
CA GLN A 220 -24.41 28.37 -10.13
C GLN A 220 -23.47 28.63 -11.29
N THR A 221 -22.53 29.57 -11.10
CA THR A 221 -21.66 29.99 -12.19
C THR A 221 -20.70 28.89 -12.60
N ILE A 222 -20.15 28.14 -11.63
CA ILE A 222 -19.22 27.07 -11.96
C ILE A 222 -19.92 25.93 -12.69
N VAL A 223 -21.12 25.57 -12.24
CA VAL A 223 -21.87 24.50 -12.91
C VAL A 223 -22.32 24.93 -14.30
N GLU A 224 -22.66 26.22 -14.46
CA GLU A 224 -23.01 26.73 -15.80
C GLU A 224 -21.80 26.71 -16.73
N ALA A 225 -20.60 26.96 -16.19
CA ALA A 225 -19.41 26.90 -17.01
C ALA A 225 -19.06 25.47 -17.39
N ILE A 226 -19.27 24.51 -16.48
CA ILE A 226 -19.06 23.11 -16.78
C ILE A 226 -20.02 22.64 -17.86
N GLU A 227 -21.27 23.11 -17.81
CA GLU A 227 -22.24 22.73 -18.83
C GLU A 227 -21.93 23.38 -20.17
N LYS A 228 -21.46 24.64 -20.17
CA LYS A 228 -21.13 25.28 -21.44
C LYS A 228 -19.82 24.77 -22.03
N ALA A 229 -18.96 24.17 -21.23
CA ALA A 229 -17.74 23.58 -21.79
C ALA A 229 -18.02 22.29 -22.55
N GLY A 230 -19.16 21.65 -22.31
CA GLY A 230 -19.53 20.45 -23.02
C GLY A 230 -19.55 19.19 -22.19
N PHE A 231 -19.36 19.29 -20.89
CA PHE A 231 -19.26 18.12 -20.03
C PHE A 231 -20.50 18.03 -19.15
N LYS A 232 -20.76 16.82 -18.66
CA LYS A 232 -21.91 16.61 -17.80
C LYS A 232 -21.47 16.64 -16.34
N PRO A 233 -21.96 17.58 -15.55
CA PRO A 233 -21.56 17.62 -14.14
C PRO A 233 -22.19 16.48 -13.35
N GLY A 234 -21.49 16.05 -12.31
CA GLY A 234 -21.93 14.94 -11.51
C GLY A 234 -21.56 13.57 -12.05
N GLU A 235 -21.15 13.48 -13.30
CA GLU A 235 -20.71 12.22 -13.89
C GLU A 235 -19.27 12.27 -14.35
N GLU A 236 -18.83 13.40 -14.87
CA GLU A 236 -17.46 13.57 -15.34
C GLU A 236 -16.68 14.60 -14.55
N VAL A 237 -17.31 15.69 -14.13
CA VAL A 237 -16.65 16.75 -13.39
C VAL A 237 -17.37 16.94 -12.07
N LYS A 238 -16.70 16.63 -10.98
CA LYS A 238 -17.26 16.86 -9.66
C LYS A 238 -16.89 18.26 -9.19
N LEU A 239 -17.10 18.56 -7.91
CA LEU A 239 -16.59 19.77 -7.29
C LEU A 239 -15.97 19.41 -5.96
N ALA A 240 -15.46 20.41 -5.27
CA ALA A 240 -14.97 20.26 -3.92
C ALA A 240 -15.05 21.62 -3.27
N MET A 241 -14.83 21.66 -1.96
CA MET A 241 -14.75 22.95 -1.28
C MET A 241 -13.61 22.93 -0.30
N ASP A 242 -13.15 24.12 0.04
CA ASP A 242 -12.30 24.35 1.20
C ASP A 242 -13.04 25.43 1.97
N ALA A 243 -13.75 25.02 3.02
CA ALA A 243 -14.65 25.95 3.68
C ALA A 243 -13.88 26.98 4.50
N ALA A 244 -12.80 26.55 5.15
CA ALA A 244 -12.00 27.36 6.09
C ALA A 244 -12.88 28.03 7.13
N SER A 245 -13.69 27.21 7.80
CA SER A 245 -14.67 27.70 8.76
C SER A 245 -14.05 28.27 10.02
N SER A 246 -12.75 28.08 10.23
CA SER A 246 -12.07 28.71 11.35
C SER A 246 -11.98 30.22 11.22
N GLU A 247 -12.13 30.75 10.01
CA GLU A 247 -11.97 32.18 9.81
C GLU A 247 -13.20 32.96 10.23
N PHE A 248 -14.39 32.38 10.13
CA PHE A 248 -15.61 33.07 10.52
C PHE A 248 -16.28 32.41 11.73
N TYR A 249 -15.53 31.69 12.54
CA TYR A 249 -16.03 31.11 13.78
C TYR A 249 -15.72 32.03 14.94
N ASN A 250 -16.75 32.59 15.56
CA ASN A 250 -16.56 33.42 16.74
C ASN A 250 -16.43 32.52 17.95
N LYS A 251 -15.28 32.59 18.63
CA LYS A 251 -14.95 31.64 19.68
C LYS A 251 -15.73 31.89 20.96
N GLU A 252 -16.03 33.16 21.26
CA GLU A 252 -16.59 33.53 22.56
C GLU A 252 -18.02 33.02 22.75
N ASP A 253 -18.76 32.83 21.65
CA ASP A 253 -20.12 32.36 21.74
C ASP A 253 -20.37 31.06 20.98
N GLY A 254 -19.44 30.64 20.12
CA GLY A 254 -19.59 29.38 19.42
C GLY A 254 -20.60 29.40 18.30
N LYS A 255 -20.78 30.55 17.64
CA LYS A 255 -21.69 30.65 16.52
C LYS A 255 -20.93 31.10 15.27
N TYR A 256 -21.32 30.55 14.13
CA TYR A 256 -20.68 30.84 12.86
C TYR A 256 -21.27 32.10 12.26
N HIS A 257 -20.42 33.06 11.91
CA HIS A 257 -20.86 34.35 11.38
C HIS A 257 -20.60 34.36 9.88
N LEU A 258 -21.58 33.92 9.11
CA LEU A 258 -21.50 34.01 7.65
C LEU A 258 -21.65 35.46 7.24
N SER A 259 -20.51 36.12 7.00
CA SER A 259 -20.54 37.53 6.61
C SER A 259 -21.06 37.71 5.19
N GLY A 260 -21.00 36.68 4.35
CA GLY A 260 -21.48 36.82 2.99
C GLY A 260 -22.99 36.90 2.92
N GLU A 261 -23.67 35.97 3.59
CA GLU A 261 -25.13 35.97 3.62
C GLU A 261 -25.69 36.80 4.77
N GLY A 262 -24.84 37.28 5.68
CA GLY A 262 -25.30 38.10 6.78
C GLY A 262 -26.12 37.37 7.82
N VAL A 263 -25.99 36.05 7.88
CA VAL A 263 -26.81 35.21 8.75
C VAL A 263 -25.89 34.49 9.73
N VAL A 264 -26.20 34.59 11.01
CA VAL A 264 -25.46 33.88 12.04
C VAL A 264 -26.10 32.52 12.24
N LYS A 265 -25.38 31.47 11.87
CA LYS A 265 -25.86 30.10 12.00
C LYS A 265 -25.18 29.43 13.18
N THR A 266 -25.94 28.60 13.90
CA THR A 266 -25.40 27.81 14.99
C THR A 266 -24.81 26.52 14.43
N SER A 267 -24.23 25.70 15.32
CA SER A 267 -23.48 24.53 14.88
C SER A 267 -24.37 23.41 14.36
N ALA A 268 -25.68 23.48 14.58
CA ALA A 268 -26.58 22.50 14.02
C ALA A 268 -27.21 22.96 12.72
N GLU A 269 -27.10 24.25 12.40
CA GLU A 269 -27.64 24.76 11.15
C GLU A 269 -26.64 24.70 10.00
N MET A 270 -25.34 24.64 10.31
CA MET A 270 -24.32 24.52 9.28
C MET A 270 -24.42 23.18 8.57
N VAL A 271 -24.71 22.11 9.30
CA VAL A 271 -24.86 20.81 8.68
C VAL A 271 -26.12 20.76 7.83
N ASP A 272 -27.16 21.46 8.26
CA ASP A 272 -28.37 21.58 7.45
C ASP A 272 -28.13 22.41 6.20
N TRP A 273 -27.18 23.34 6.25
CA TRP A 273 -26.81 24.09 5.06
C TRP A 273 -25.97 23.25 4.11
N TYR A 274 -25.06 22.45 4.66
CA TYR A 274 -24.23 21.58 3.82
C TYR A 274 -25.06 20.50 3.15
N GLU A 275 -26.11 20.00 3.81
CA GLU A 275 -26.98 19.03 3.16
C GLU A 275 -27.72 19.64 1.98
N GLU A 276 -28.13 20.90 2.10
CA GLU A 276 -28.78 21.57 0.99
C GLU A 276 -27.82 21.80 -0.17
N LEU A 277 -26.57 22.18 0.14
CA LEU A 277 -25.60 22.39 -0.93
C LEU A 277 -25.21 21.09 -1.61
N VAL A 278 -25.14 19.98 -0.88
CA VAL A 278 -24.85 18.70 -1.52
C VAL A 278 -26.05 18.22 -2.33
N SER A 279 -27.26 18.52 -1.85
CA SER A 279 -28.45 18.07 -2.58
C SER A 279 -28.68 18.89 -3.86
N LYS A 280 -28.21 20.13 -3.91
CA LYS A 280 -28.44 20.93 -5.11
C LYS A 280 -27.28 20.90 -6.09
N TYR A 281 -26.04 20.72 -5.63
CA TYR A 281 -24.86 20.86 -6.45
C TYR A 281 -23.93 19.67 -6.22
N PRO A 282 -23.18 19.23 -7.24
CA PRO A 282 -22.47 17.93 -7.13
C PRO A 282 -21.18 18.00 -6.33
N ILE A 283 -21.26 18.45 -5.09
CA ILE A 283 -20.10 18.51 -4.21
C ILE A 283 -19.73 17.10 -3.77
N ILE A 284 -18.45 16.79 -3.77
CA ILE A 284 -18.04 15.44 -3.39
C ILE A 284 -17.01 15.53 -2.26
N SER A 285 -16.56 16.72 -1.92
CA SER A 285 -15.56 16.85 -0.87
C SER A 285 -15.71 18.17 -0.16
N ILE A 286 -15.64 18.14 1.17
CA ILE A 286 -15.74 19.34 1.99
C ILE A 286 -14.54 19.36 2.93
N GLU A 287 -13.82 20.48 2.95
CA GLU A 287 -12.62 20.63 3.76
C GLU A 287 -12.86 21.64 4.86
N ASP A 288 -12.65 21.21 6.11
CA ASP A 288 -12.80 22.03 7.32
C ASP A 288 -14.18 22.67 7.41
N GLY A 289 -15.20 21.82 7.36
CA GLY A 289 -16.57 22.30 7.36
C GLY A 289 -16.96 22.95 8.67
N LEU A 290 -16.45 22.43 9.78
CA LEU A 290 -16.68 23.00 11.11
C LEU A 290 -15.34 23.18 11.79
N ASP A 291 -15.31 24.04 12.80
CA ASP A 291 -14.07 24.29 13.52
C ASP A 291 -13.67 23.06 14.32
N GLU A 292 -12.37 22.92 14.57
CA GLU A 292 -11.85 21.76 15.28
C GLU A 292 -12.10 21.80 16.79
N ASN A 293 -12.82 22.80 17.30
CA ASN A 293 -13.26 22.82 18.68
C ASN A 293 -14.77 22.78 18.79
N ASP A 294 -15.42 22.04 17.88
CA ASP A 294 -16.87 21.96 17.81
C ASP A 294 -17.30 20.51 17.70
N TRP A 295 -16.83 19.70 18.65
CA TRP A 295 -17.01 18.24 18.63
C TRP A 295 -18.47 17.84 18.64
N GLU A 296 -19.33 18.60 19.33
CA GLU A 296 -20.74 18.27 19.38
C GLU A 296 -21.42 18.46 18.04
N GLY A 297 -20.89 19.34 17.20
CA GLY A 297 -21.41 19.51 15.86
C GLY A 297 -20.64 18.69 14.85
N HIS A 298 -19.36 18.47 15.12
CA HIS A 298 -18.53 17.72 14.17
C HIS A 298 -18.90 16.24 14.18
N LYS A 299 -19.25 15.70 15.34
CA LYS A 299 -19.74 14.32 15.41
C LYS A 299 -21.10 14.18 14.74
N LEU A 300 -21.89 15.25 14.73
CA LEU A 300 -23.12 15.25 13.96
C LEU A 300 -22.85 15.24 12.47
N LEU A 301 -21.91 16.09 12.02
CA LEU A 301 -21.62 16.22 10.59
C LEU A 301 -21.00 14.96 10.02
N THR A 302 -20.17 14.27 10.79
CA THR A 302 -19.50 13.10 10.24
C THR A 302 -20.41 11.89 10.11
N GLU A 303 -21.67 11.97 10.54
CA GLU A 303 -22.63 10.92 10.30
C GLU A 303 -23.85 11.37 9.52
N ARG A 304 -24.13 12.67 9.44
CA ARG A 304 -25.19 13.13 8.56
C ARG A 304 -24.80 13.04 7.10
N LEU A 305 -23.52 13.17 6.78
CA LEU A 305 -23.07 13.18 5.39
C LEU A 305 -21.93 12.22 5.10
N GLY A 306 -21.29 11.65 6.11
CA GLY A 306 -20.03 10.95 5.96
C GLY A 306 -20.05 9.67 5.16
N LYS A 307 -21.18 9.29 4.59
CA LYS A 307 -21.29 8.10 3.75
C LYS A 307 -21.46 8.44 2.28
N LYS A 308 -21.56 9.71 1.92
CA LYS A 308 -21.66 10.08 0.52
C LYS A 308 -20.90 11.36 0.15
N VAL A 309 -20.17 11.97 1.09
CA VAL A 309 -19.35 13.15 0.84
C VAL A 309 -18.05 12.98 1.61
N GLN A 310 -16.93 13.08 0.91
CA GLN A 310 -15.63 13.01 1.56
C GLN A 310 -15.44 14.21 2.47
N LEU A 311 -14.97 13.99 3.69
CA LEU A 311 -14.79 15.05 4.67
C LEU A 311 -13.35 15.01 5.18
N VAL A 312 -12.49 15.88 4.66
CA VAL A 312 -11.10 15.86 5.08
C VAL A 312 -10.95 16.77 6.28
N GLY A 313 -9.85 16.60 7.01
CA GLY A 313 -9.56 17.43 8.16
C GLY A 313 -8.08 17.53 8.48
N ASP A 314 -7.56 18.74 8.54
CA ASP A 314 -6.12 18.92 8.67
C ASP A 314 -5.66 18.91 10.12
N ASP A 315 -6.17 19.84 10.94
CA ASP A 315 -5.77 19.92 12.34
C ASP A 315 -6.47 18.87 13.20
N LEU A 316 -7.54 18.28 12.68
CA LEU A 316 -8.15 17.11 13.32
C LEU A 316 -7.21 15.92 13.29
N PHE A 317 -6.37 15.83 12.26
CA PHE A 317 -5.38 14.78 12.09
C PHE A 317 -4.02 15.38 11.87
N VAL A 318 -3.65 16.30 12.77
CA VAL A 318 -2.43 17.09 12.63
C VAL A 318 -1.20 16.17 12.71
N THR A 319 -0.20 16.47 11.89
CA THR A 319 0.82 15.50 11.50
C THR A 319 1.79 15.26 12.63
N ASN A 320 1.56 14.19 13.39
CA ASN A 320 2.42 13.77 14.49
C ASN A 320 2.17 12.28 14.70
N THR A 321 3.12 11.63 15.36
CA THR A 321 2.96 10.19 15.63
C THR A 321 1.96 9.90 16.73
N LYS A 322 1.51 10.92 17.47
CA LYS A 322 0.53 10.75 18.53
C LYS A 322 -0.79 11.44 18.23
N LYS A 323 -0.75 12.65 17.65
CA LYS A 323 -1.95 13.44 17.47
C LYS A 323 -2.73 13.04 16.22
N LEU A 324 -2.05 12.56 15.19
CA LEU A 324 -2.77 12.08 14.01
C LEU A 324 -3.50 10.77 14.31
N SER A 325 -3.01 10.00 15.27
CA SER A 325 -3.68 8.77 15.71
C SER A 325 -4.73 9.02 16.77
N GLU A 326 -5.01 10.28 17.12
CA GLU A 326 -6.01 10.56 18.14
C GLU A 326 -7.42 10.61 17.54
N GLY A 327 -7.59 11.34 16.44
CA GLY A 327 -8.89 11.43 15.80
C GLY A 327 -9.30 10.18 15.04
N ILE A 328 -8.39 9.23 14.87
CA ILE A 328 -8.73 7.94 14.26
C ILE A 328 -9.59 7.13 15.22
N LYS A 329 -9.33 7.21 16.53
CA LYS A 329 -9.93 6.30 17.50
C LYS A 329 -11.42 6.59 17.70
N ASN A 330 -11.79 7.86 17.83
CA ASN A 330 -13.20 8.21 17.95
C ASN A 330 -13.92 8.26 16.61
N GLY A 331 -13.20 8.24 15.50
CA GLY A 331 -13.80 8.12 14.19
C GLY A 331 -14.58 9.33 13.70
N VAL A 332 -13.88 10.45 13.51
CA VAL A 332 -14.48 11.66 12.96
C VAL A 332 -13.79 11.99 11.64
N GLY A 333 -14.57 12.26 10.61
CA GLY A 333 -14.05 12.43 9.27
C GLY A 333 -13.73 11.09 8.62
N ASN A 334 -13.60 11.11 7.30
CA ASN A 334 -13.29 9.89 6.57
C ASN A 334 -12.19 10.09 5.55
N SER A 335 -11.29 11.04 5.80
CA SER A 335 -10.12 11.30 4.96
C SER A 335 -9.17 12.23 5.70
N ILE A 336 -7.87 12.01 5.55
CA ILE A 336 -6.91 12.89 6.18
C ILE A 336 -6.16 13.65 5.11
N LEU A 337 -5.29 14.56 5.53
CA LEU A 337 -4.70 15.54 4.61
C LEU A 337 -3.19 15.49 4.78
N ILE A 338 -2.50 14.75 3.92
CA ILE A 338 -1.05 14.61 3.99
C ILE A 338 -0.40 15.88 3.48
N LYS A 339 0.33 16.56 4.35
CA LYS A 339 1.12 17.72 3.97
C LYS A 339 2.58 17.37 4.14
N VAL A 340 3.32 17.31 3.04
CA VAL A 340 4.64 16.69 3.06
C VAL A 340 5.66 17.58 3.73
N ASN A 341 5.68 18.87 3.40
CA ASN A 341 6.71 19.72 3.98
C ASN A 341 6.37 20.24 5.37
N GLN A 342 5.37 19.66 6.03
CA GLN A 342 5.13 19.89 7.44
C GLN A 342 5.28 18.59 8.23
N ILE A 343 5.65 17.51 7.56
CA ILE A 343 5.63 16.19 8.19
C ILE A 343 7.02 15.60 8.33
N GLY A 344 8.04 16.13 7.65
CA GLY A 344 9.39 15.71 7.94
C GLY A 344 10.08 14.97 6.83
N THR A 345 10.32 13.68 7.04
CA THR A 345 11.16 12.89 6.16
C THR A 345 10.31 12.23 5.07
N LEU A 346 10.90 11.28 4.34
CA LEU A 346 10.12 10.43 3.45
C LEU A 346 9.74 9.11 4.07
N THR A 347 10.21 8.79 5.26
CA THR A 347 9.75 7.58 5.92
C THR A 347 8.46 7.85 6.68
N GLU A 348 8.37 9.01 7.34
CA GLU A 348 7.16 9.34 8.07
C GLU A 348 5.99 9.64 7.15
N THR A 349 6.25 10.10 5.93
CA THR A 349 5.18 10.28 4.95
C THR A 349 4.59 8.94 4.55
N PHE A 350 5.44 7.94 4.27
CA PHE A 350 4.89 6.67 3.85
C PHE A 350 4.38 5.84 5.01
N ASP A 351 4.71 6.18 6.25
CA ASP A 351 4.02 5.55 7.36
C ASP A 351 2.68 6.21 7.65
N ALA A 352 2.60 7.54 7.51
CA ALA A 352 1.35 8.22 7.75
C ALA A 352 0.34 7.98 6.65
N ILE A 353 0.76 7.59 5.45
CA ILE A 353 -0.22 7.18 4.45
C ILE A 353 -0.70 5.76 4.73
N GLU A 354 0.19 4.89 5.22
CA GLU A 354 -0.18 3.50 5.48
C GLU A 354 -1.12 3.38 6.67
N MET A 355 -0.89 4.18 7.72
CA MET A 355 -1.81 4.18 8.86
C MET A 355 -3.17 4.77 8.52
N ALA A 356 -3.29 5.52 7.44
CA ALA A 356 -4.59 5.96 6.98
C ALA A 356 -5.23 4.96 6.03
N LYS A 357 -4.43 4.18 5.31
CA LYS A 357 -5.01 3.11 4.50
C LYS A 357 -5.56 2.00 5.37
N ARG A 358 -4.97 1.76 6.54
CA ARG A 358 -5.49 0.72 7.41
C ARG A 358 -6.86 1.09 7.97
N ALA A 359 -6.99 2.27 8.55
CA ALA A 359 -8.21 2.65 9.25
C ALA A 359 -9.32 3.13 8.32
N GLY A 360 -9.27 2.81 7.03
CA GLY A 360 -10.35 3.11 6.12
C GLY A 360 -10.40 4.52 5.60
N TYR A 361 -9.40 5.34 5.90
CA TYR A 361 -9.40 6.72 5.46
C TYR A 361 -8.88 6.83 4.03
N THR A 362 -8.74 8.06 3.57
CA THR A 362 -8.30 8.35 2.21
C THR A 362 -7.30 9.49 2.25
N ALA A 363 -6.12 9.26 1.71
CA ALA A 363 -5.09 10.29 1.72
C ALA A 363 -5.33 11.29 0.61
N VAL A 364 -5.09 12.56 0.90
CA VAL A 364 -5.16 13.64 -0.07
C VAL A 364 -3.86 14.41 0.03
N ILE A 365 -3.03 14.37 -1.01
CA ILE A 365 -1.77 15.09 -0.97
C ILE A 365 -2.07 16.58 -1.07
N SER A 366 -1.47 17.37 -0.19
CA SER A 366 -1.81 18.78 -0.15
C SER A 366 -0.59 19.57 0.25
N HIS A 367 -0.79 20.85 0.54
CA HIS A 367 0.28 21.74 0.93
C HIS A 367 -0.33 22.95 1.62
N ARG A 368 0.47 23.57 2.48
CA ARG A 368 0.08 24.80 3.14
C ARG A 368 0.00 25.92 2.11
N SER A 369 -0.93 26.86 2.33
CA SER A 369 -1.37 27.81 1.31
C SER A 369 -0.31 28.84 0.90
N GLY A 370 0.90 28.80 1.42
CA GLY A 370 1.89 29.77 1.01
C GLY A 370 3.25 29.18 0.68
N GLU A 371 3.38 27.87 0.77
CA GLU A 371 4.68 27.24 0.52
C GLU A 371 4.98 27.26 -0.97
N THR A 372 6.22 26.93 -1.32
CA THR A 372 6.50 26.97 -2.75
C THR A 372 6.06 25.67 -3.41
N GLU A 373 6.92 24.63 -3.34
CA GLU A 373 6.72 23.26 -3.80
C GLU A 373 8.05 22.53 -3.77
N ASP A 374 8.07 21.26 -4.16
CA ASP A 374 9.07 20.80 -5.10
C ASP A 374 8.40 19.84 -6.09
N SER A 375 9.19 19.27 -6.98
CA SER A 375 8.67 18.40 -8.02
C SER A 375 8.76 16.93 -7.67
N THR A 376 9.17 16.61 -6.46
CA THR A 376 9.22 15.21 -6.05
C THR A 376 7.88 14.77 -5.47
N ILE A 377 6.97 15.72 -5.22
CA ILE A 377 5.66 15.39 -4.70
C ILE A 377 4.83 14.68 -5.75
N ALA A 378 5.10 14.93 -7.03
CA ALA A 378 4.42 14.22 -8.08
C ALA A 378 4.85 12.76 -8.20
N ASP A 379 5.99 12.39 -7.62
CA ASP A 379 6.39 10.99 -7.55
C ASP A 379 5.89 10.31 -6.29
N ILE A 380 5.70 11.07 -5.21
CA ILE A 380 5.08 10.53 -4.01
C ILE A 380 3.59 10.31 -4.25
N ALA A 381 2.97 11.11 -5.11
CA ALA A 381 1.56 10.90 -5.38
C ALA A 381 1.29 9.71 -6.28
N VAL A 382 2.29 9.24 -7.01
CA VAL A 382 2.14 8.02 -7.80
C VAL A 382 2.58 6.80 -7.01
N ALA A 383 3.66 6.91 -6.25
CA ALA A 383 4.23 5.76 -5.57
C ALA A 383 3.41 5.27 -4.40
N THR A 384 2.59 6.13 -3.79
CA THR A 384 1.80 5.70 -2.64
C THR A 384 0.37 5.31 -3.00
N ASN A 385 -0.03 5.50 -4.26
CA ASN A 385 -1.42 5.41 -4.72
C ASN A 385 -2.32 6.28 -3.84
N ALA A 386 -1.98 7.55 -3.77
CA ALA A 386 -2.71 8.46 -2.90
C ALA A 386 -4.08 8.76 -3.47
N GLY A 387 -4.15 9.08 -4.75
CA GLY A 387 -5.44 9.20 -5.36
C GLY A 387 -5.85 10.61 -5.71
N GLN A 388 -5.56 11.58 -4.85
CA GLN A 388 -5.89 12.96 -5.15
C GLN A 388 -4.71 13.83 -4.83
N ILE A 389 -4.29 14.63 -5.79
CA ILE A 389 -3.25 15.62 -5.57
C ILE A 389 -3.91 16.97 -5.76
N LYS A 390 -3.38 17.98 -5.10
CA LYS A 390 -3.96 19.32 -5.14
C LYS A 390 -2.99 20.22 -5.89
N THR A 391 -3.20 20.36 -7.20
CA THR A 391 -2.28 21.09 -8.05
C THR A 391 -2.59 22.58 -7.96
N GLY A 392 -2.26 23.17 -6.83
CA GLY A 392 -2.20 24.60 -6.70
C GLY A 392 -0.81 25.00 -6.29
N ALA A 393 -0.48 26.26 -6.56
CA ALA A 393 0.85 26.78 -6.31
C ALA A 393 0.76 28.29 -6.28
N PRO A 394 1.65 28.98 -5.56
CA PRO A 394 1.54 30.43 -5.49
C PRO A 394 1.93 31.15 -6.77
N SER A 395 2.61 30.48 -7.70
CA SER A 395 2.96 31.09 -8.97
C SER A 395 2.77 30.10 -10.10
N ARG A 396 2.72 30.61 -11.32
CA ARG A 396 2.44 29.75 -12.47
C ARG A 396 3.60 28.82 -12.77
N THR A 397 4.84 29.29 -12.61
CA THR A 397 5.99 28.44 -12.93
C THR A 397 6.22 27.31 -11.93
N ASP A 398 5.43 27.24 -10.85
CA ASP A 398 5.45 26.07 -9.99
C ASP A 398 4.29 25.14 -10.34
N ARG A 399 3.16 25.74 -10.74
CA ARG A 399 1.99 24.97 -11.15
C ARG A 399 2.29 24.18 -12.41
N VAL A 400 2.95 24.80 -13.38
CA VAL A 400 3.31 24.11 -14.61
C VAL A 400 4.39 23.07 -14.33
N ALA A 401 5.24 23.30 -13.33
CA ALA A 401 6.20 22.28 -12.96
C ALA A 401 5.55 21.09 -12.27
N LYS A 402 4.38 21.28 -11.65
CA LYS A 402 3.58 20.13 -11.21
C LYS A 402 3.01 19.37 -12.40
N TYR A 403 2.45 20.11 -13.36
CA TYR A 403 1.76 19.49 -14.50
C TYR A 403 2.72 18.69 -15.36
N ASN A 404 3.87 19.27 -15.68
CA ASN A 404 4.83 18.58 -16.54
C ASN A 404 5.45 17.39 -15.85
N GLN A 405 5.61 17.45 -14.53
CA GLN A 405 6.18 16.31 -13.82
C GLN A 405 5.18 15.17 -13.72
N LEU A 406 3.88 15.46 -13.64
CA LEU A 406 2.93 14.37 -13.73
C LEU A 406 2.65 13.91 -15.15
N LEU A 407 3.00 14.71 -16.16
CA LEU A 407 2.85 14.23 -17.53
C LEU A 407 4.07 13.48 -18.04
N ARG A 408 5.24 13.69 -17.46
CA ARG A 408 6.41 12.91 -17.83
C ARG A 408 6.51 11.58 -17.11
N ILE A 409 5.51 11.24 -16.31
CA ILE A 409 5.37 9.90 -15.75
C ILE A 409 4.46 9.03 -16.60
N GLU A 410 3.37 9.62 -17.11
CA GLU A 410 2.49 8.89 -18.02
C GLU A 410 3.17 8.54 -19.32
N ASP A 411 4.13 9.36 -19.76
CA ASP A 411 4.87 9.03 -20.97
C ASP A 411 5.93 7.97 -20.77
N GLN A 412 6.24 7.59 -19.53
CA GLN A 412 7.08 6.43 -19.29
C GLN A 412 6.29 5.16 -19.06
N LEU A 413 5.04 5.29 -18.64
CA LEU A 413 4.17 4.16 -18.32
C LEU A 413 3.21 3.89 -19.45
N ALA A 414 3.70 3.92 -20.70
CA ALA A 414 2.91 4.22 -21.89
C ALA A 414 1.70 3.30 -22.08
N GLU A 415 1.93 2.00 -22.11
CA GLU A 415 0.85 1.05 -22.26
C GLU A 415 0.30 0.56 -20.93
N THR A 416 0.72 1.16 -19.82
CA THR A 416 0.52 0.59 -18.51
C THR A 416 -0.22 1.52 -17.56
N ALA A 417 -0.16 2.84 -17.79
CA ALA A 417 -0.60 3.84 -16.83
C ALA A 417 -2.10 3.78 -16.59
N GLN A 418 -2.48 3.60 -15.34
CA GLN A 418 -3.88 3.62 -14.96
C GLN A 418 -4.32 5.07 -14.73
N TYR A 419 -5.48 5.23 -14.13
CA TYR A 419 -6.00 6.50 -13.65
C TYR A 419 -7.14 6.14 -12.70
N HIS A 420 -7.28 6.89 -11.61
CA HIS A 420 -8.35 6.57 -10.67
C HIS A 420 -9.72 6.85 -11.26
N GLY A 421 -10.03 8.10 -11.54
CA GLY A 421 -11.37 8.40 -11.96
C GLY A 421 -12.29 8.37 -10.76
N ILE A 422 -13.40 7.62 -10.87
CA ILE A 422 -14.37 7.56 -9.80
C ILE A 422 -14.06 6.43 -8.81
N ASN A 423 -13.04 5.63 -9.10
CA ASN A 423 -12.69 4.52 -8.23
C ASN A 423 -11.94 4.95 -6.98
N SER A 424 -11.61 6.23 -6.84
CA SER A 424 -11.01 6.74 -5.61
C SER A 424 -12.06 7.01 -4.54
N PHE A 425 -13.34 6.98 -4.90
CA PHE A 425 -14.43 7.20 -3.96
C PHE A 425 -15.04 5.85 -3.57
N TYR A 426 -14.21 5.07 -2.88
CA TYR A 426 -14.60 3.75 -2.43
C TYR A 426 -15.41 3.76 -1.14
N ASN A 427 -15.14 4.73 -0.25
CA ASN A 427 -15.84 4.82 1.01
C ASN A 427 -17.07 5.73 0.94
N LEU A 428 -17.68 5.85 -0.23
CA LEU A 428 -18.84 6.72 -0.39
C LEU A 428 -20.01 5.96 -1.01
N VAL B 7 -0.09 41.61 -39.96
CA VAL B 7 -0.29 40.81 -38.76
C VAL B 7 -1.62 41.17 -38.13
N LEU B 8 -2.02 40.42 -37.10
CA LEU B 8 -3.33 40.60 -36.49
C LEU B 8 -3.30 40.02 -35.09
N ARG B 9 -3.49 40.88 -34.08
CA ARG B 9 -3.62 40.49 -32.67
C ARG B 9 -2.38 39.76 -32.17
N GLU B 10 -1.30 40.53 -32.02
CA GLU B 10 -0.06 40.04 -31.41
C GLU B 10 -0.31 39.42 -30.04
N GLU B 11 -0.88 40.19 -29.12
CA GLU B 11 -1.44 39.71 -27.84
C GLU B 11 -0.37 39.04 -26.97
N TYR B 12 0.52 39.89 -26.47
CA TYR B 12 1.58 39.46 -25.56
C TYR B 12 1.01 38.76 -24.33
N VAL B 13 1.52 37.57 -24.06
CA VAL B 13 1.15 36.78 -22.88
C VAL B 13 2.46 36.65 -22.11
N GLU B 14 2.49 35.84 -21.04
CA GLU B 14 3.58 35.88 -20.06
C GLU B 14 4.95 35.54 -20.67
N GLY B 15 5.11 34.31 -21.14
CA GLY B 15 6.41 33.93 -21.68
C GLY B 15 6.39 33.67 -23.16
N TYR B 16 5.27 33.97 -23.81
CA TYR B 16 5.07 33.61 -25.20
C TYR B 16 4.40 34.76 -25.91
N VAL B 17 4.27 34.62 -27.23
CA VAL B 17 3.41 35.47 -28.04
C VAL B 17 2.59 34.57 -28.95
N VAL B 18 1.32 34.90 -29.11
CA VAL B 18 0.42 34.15 -29.98
C VAL B 18 0.06 35.06 -31.15
N GLN B 19 0.82 34.96 -32.21
CA GLN B 19 0.75 35.88 -33.33
C GLN B 19 0.01 35.22 -34.48
N MET B 20 -1.25 35.61 -34.67
CA MET B 20 -1.91 35.34 -35.93
C MET B 20 -1.23 36.16 -37.02
N TRP B 21 -1.03 35.55 -38.19
CA TRP B 21 -0.25 36.18 -39.24
C TRP B 21 -1.02 37.34 -39.88
N ARG B 22 -0.36 37.99 -40.83
CA ARG B 22 -1.06 38.77 -41.83
C ARG B 22 -1.87 37.85 -42.72
N ARG B 23 -2.90 38.41 -43.34
CA ARG B 23 -3.85 37.62 -44.11
C ARG B 23 -3.25 37.05 -45.39
N ASN B 24 -2.15 37.66 -45.89
CA ASN B 24 -1.45 37.32 -47.13
C ASN B 24 -2.44 37.26 -48.30
N PRO B 25 -2.92 38.45 -48.77
CA PRO B 25 -4.30 38.62 -49.27
C PRO B 25 -4.94 37.54 -50.12
N SER B 26 -6.24 37.34 -49.89
CA SER B 26 -7.04 36.20 -50.36
C SER B 26 -6.43 34.88 -49.89
N ASN B 27 -6.30 34.76 -48.57
CA ASN B 27 -5.80 33.55 -47.94
C ASN B 27 -6.27 33.55 -46.49
N ALA B 28 -6.56 32.36 -45.99
CA ALA B 28 -6.99 32.20 -44.60
C ALA B 28 -5.79 32.35 -43.67
N PRO B 29 -5.91 33.13 -42.60
CA PRO B 29 -4.78 33.31 -41.68
C PRO B 29 -4.59 32.09 -40.79
N VAL B 30 -3.42 32.02 -40.18
CA VAL B 30 -3.03 30.91 -39.33
C VAL B 30 -2.56 31.48 -38.00
N ILE B 31 -2.71 30.68 -36.94
CA ILE B 31 -2.31 31.07 -35.60
C ILE B 31 -1.07 30.27 -35.23
N GLU B 32 -0.03 30.94 -34.74
CA GLU B 32 1.19 30.28 -34.31
C GLU B 32 1.62 30.81 -32.95
N VAL B 33 2.29 29.95 -32.19
CA VAL B 33 2.74 30.25 -30.85
C VAL B 33 4.26 30.33 -30.87
N PHE B 34 4.78 31.53 -30.63
CA PHE B 34 6.22 31.74 -30.53
C PHE B 34 6.60 31.94 -29.07
N THR B 35 7.86 31.68 -28.76
CA THR B 35 8.39 32.09 -27.48
C THR B 35 8.97 33.50 -27.62
N GLU B 36 9.71 33.98 -26.61
CA GLU B 36 10.16 35.36 -26.60
C GLU B 36 11.20 35.62 -27.68
N ASP B 37 12.27 34.84 -27.69
CA ASP B 37 13.16 34.79 -28.83
C ASP B 37 12.56 33.91 -29.92
N ASN B 38 13.29 33.78 -31.04
CA ASN B 38 12.99 32.86 -32.14
C ASN B 38 11.60 33.12 -32.72
N LEU B 39 11.43 34.32 -33.27
CA LEU B 39 10.14 34.79 -33.73
C LEU B 39 9.82 34.36 -35.16
N GLU B 40 10.41 33.25 -35.61
CA GLU B 40 10.21 32.79 -36.98
C GLU B 40 10.02 31.27 -37.06
N GLU B 41 9.88 30.58 -35.93
CA GLU B 41 9.75 29.13 -35.97
C GLU B 41 8.29 28.69 -36.05
N GLY B 42 7.50 28.99 -35.03
CA GLY B 42 6.05 28.78 -35.09
C GLY B 42 5.60 27.37 -34.81
N ILE B 43 4.56 27.22 -34.00
CA ILE B 43 3.95 25.94 -33.69
C ILE B 43 2.46 26.04 -34.00
N ILE B 44 1.94 25.08 -34.76
CA ILE B 44 0.51 25.05 -35.08
C ILE B 44 -0.24 24.35 -33.94
N PRO B 45 -1.19 25.01 -33.30
CA PRO B 45 -1.84 24.43 -32.13
C PRO B 45 -3.06 23.58 -32.46
N GLU B 46 -3.24 23.24 -33.74
CA GLU B 46 -4.33 22.40 -34.25
C GLU B 46 -5.70 22.99 -33.92
N TYR B 47 -5.96 24.13 -34.54
CA TYR B 47 -7.27 24.77 -34.50
C TYR B 47 -8.19 24.10 -35.51
N VAL B 48 -9.37 24.69 -35.74
CA VAL B 48 -10.23 24.18 -36.81
C VAL B 48 -10.64 25.31 -37.76
N THR B 49 -10.71 26.55 -37.25
CA THR B 49 -11.23 27.64 -38.07
C THR B 49 -10.39 28.91 -38.01
N ALA B 50 -9.66 29.16 -36.92
CA ALA B 50 -8.93 30.41 -36.65
C ALA B 50 -9.85 31.63 -36.71
N ASN B 51 -10.82 31.63 -35.82
CA ASN B 51 -11.68 32.79 -35.59
C ASN B 51 -11.07 33.64 -34.47
N ASP B 52 -11.85 34.60 -33.97
CA ASP B 52 -11.44 35.32 -32.78
C ASP B 52 -11.65 34.48 -31.53
N ASP B 53 -12.71 33.67 -31.50
CA ASP B 53 -12.98 32.82 -30.35
C ASP B 53 -11.93 31.71 -30.23
N THR B 54 -11.51 31.15 -31.35
CA THR B 54 -10.43 30.16 -31.35
C THR B 54 -9.13 30.79 -30.89
N PHE B 55 -8.88 32.03 -31.29
CA PHE B 55 -7.69 32.75 -30.84
C PHE B 55 -7.72 32.99 -29.34
N ASP B 56 -8.88 33.35 -28.80
CA ASP B 56 -9.01 33.55 -27.36
C ASP B 56 -8.87 32.23 -26.61
N ARG B 57 -9.31 31.13 -27.22
CA ARG B 57 -9.12 29.81 -26.63
C ARG B 57 -7.64 29.47 -26.53
N ILE B 58 -6.88 29.81 -27.57
CA ILE B 58 -5.44 29.54 -27.56
C ILE B 58 -4.73 30.45 -26.55
N VAL B 59 -5.19 31.70 -26.42
CA VAL B 59 -4.62 32.61 -25.42
C VAL B 59 -4.87 32.10 -24.01
N ASP B 60 -6.09 31.67 -23.72
CA ASP B 60 -6.40 31.17 -22.38
C ASP B 60 -5.89 29.76 -22.18
N ALA B 61 -5.39 29.12 -23.24
CA ALA B 61 -4.72 27.84 -23.06
C ALA B 61 -3.22 28.01 -22.85
N VAL B 62 -2.64 29.13 -23.32
CA VAL B 62 -1.23 29.37 -23.01
C VAL B 62 -1.07 29.81 -21.56
N GLU B 63 -1.95 30.70 -21.08
CA GLU B 63 -2.16 30.83 -19.64
C GLU B 63 -2.76 29.52 -19.14
N PHE B 64 -2.53 29.23 -17.85
CA PHE B 64 -2.83 27.98 -17.13
C PHE B 64 -1.89 26.84 -17.54
N GLY B 65 -1.16 27.01 -18.63
CA GLY B 65 -0.01 26.18 -18.92
C GLY B 65 -0.28 24.79 -19.45
N TYR B 66 -1.15 24.65 -20.44
CA TYR B 66 -1.27 23.38 -21.15
C TYR B 66 -1.74 23.61 -22.57
N LEU B 67 -0.83 23.45 -23.51
CA LEU B 67 -1.17 23.11 -24.89
C LEU B 67 -0.71 21.68 -25.14
N GLU B 68 -1.27 21.07 -26.18
CA GLU B 68 -0.96 19.67 -26.49
C GLU B 68 0.21 19.61 -27.47
N GLU B 69 0.67 20.79 -27.86
CA GLU B 69 1.59 20.90 -28.98
C GLU B 69 2.97 21.35 -28.56
N LEU B 70 3.07 21.97 -27.39
CA LEU B 70 4.34 22.50 -26.92
C LEU B 70 4.49 22.18 -25.45
N GLU B 71 5.73 22.11 -24.98
CA GLU B 71 5.99 21.72 -23.59
C GLU B 71 5.54 22.79 -22.61
N LEU B 72 5.62 24.06 -23.03
CA LEU B 72 5.33 25.25 -22.24
C LEU B 72 6.11 25.32 -20.93
N VAL B 73 7.42 25.51 -21.00
CA VAL B 73 8.19 25.76 -19.79
C VAL B 73 7.86 27.14 -19.24
N MET C 1 18.76 -3.09 -22.33
CA MET C 1 19.98 -3.87 -22.10
C MET C 1 19.77 -5.29 -21.51
N PRO C 2 18.87 -5.50 -20.50
CA PRO C 2 18.72 -6.91 -20.07
C PRO C 2 17.62 -7.67 -20.79
N TYR C 3 17.86 -8.03 -22.04
CA TYR C 3 16.86 -8.72 -22.82
C TYR C 3 16.85 -10.21 -22.52
N ILE C 4 15.66 -10.81 -22.51
CA ILE C 4 15.52 -12.23 -22.27
C ILE C 4 15.95 -12.99 -23.52
N VAL C 5 16.78 -14.02 -23.33
CA VAL C 5 17.20 -14.85 -24.45
C VAL C 5 16.72 -16.29 -24.33
N ASP C 6 16.50 -16.81 -23.13
CA ASP C 6 16.12 -18.20 -22.93
C ASP C 6 15.13 -18.31 -21.79
N VAL C 7 13.95 -18.83 -22.06
CA VAL C 7 13.01 -19.28 -21.04
C VAL C 7 12.86 -20.77 -21.20
N TYR C 8 13.11 -21.51 -20.13
CA TYR C 8 13.26 -22.95 -20.24
C TYR C 8 12.83 -23.61 -18.95
N ALA C 9 11.91 -24.56 -19.05
CA ALA C 9 11.41 -25.30 -17.91
C ALA C 9 11.84 -26.76 -18.02
N ARG C 10 12.08 -27.39 -16.88
CA ARG C 10 12.53 -28.77 -16.84
C ARG C 10 11.81 -29.49 -15.72
N GLU C 11 12.14 -30.76 -15.53
CA GLU C 11 11.53 -31.62 -14.53
C GLU C 11 12.59 -32.07 -13.55
N VAL C 12 12.39 -31.75 -12.27
CA VAL C 12 13.27 -32.21 -11.20
C VAL C 12 12.42 -32.84 -10.10
N LEU C 13 13.10 -33.57 -9.22
CA LEU C 13 12.44 -34.27 -8.12
C LEU C 13 12.67 -33.53 -6.81
N ASP C 14 11.68 -33.58 -5.94
CA ASP C 14 11.75 -32.92 -4.65
C ASP C 14 12.31 -33.88 -3.60
N SER C 15 12.16 -33.53 -2.33
CA SER C 15 12.54 -34.44 -1.25
C SER C 15 11.57 -35.62 -1.15
N ARG C 16 10.32 -35.42 -1.54
CA ARG C 16 9.34 -36.49 -1.54
C ARG C 16 9.48 -37.44 -2.73
N GLY C 17 10.29 -37.10 -3.71
CA GLY C 17 10.38 -37.88 -4.92
C GLY C 17 9.32 -37.57 -5.96
N ASN C 18 8.47 -36.60 -5.70
CA ASN C 18 7.49 -36.19 -6.69
C ASN C 18 8.15 -35.32 -7.76
N PRO C 19 7.71 -35.42 -9.01
CA PRO C 19 8.26 -34.55 -10.05
C PRO C 19 7.74 -33.13 -9.92
N THR C 20 8.66 -32.17 -9.91
CA THR C 20 8.33 -30.76 -9.89
C THR C 20 8.91 -30.08 -11.12
N VAL C 21 8.25 -29.01 -11.54
CA VAL C 21 8.61 -28.28 -12.74
C VAL C 21 9.33 -27.00 -12.32
N GLU C 22 10.45 -26.71 -12.98
CA GLU C 22 11.37 -25.66 -12.56
C GLU C 22 11.64 -24.73 -13.75
N VAL C 23 11.19 -23.49 -13.65
CA VAL C 23 11.29 -22.52 -14.74
C VAL C 23 12.52 -21.66 -14.54
N GLU C 24 13.31 -21.49 -15.60
CA GLU C 24 14.51 -20.66 -15.56
C GLU C 24 14.42 -19.58 -16.64
N VAL C 25 14.96 -18.41 -16.34
CA VAL C 25 14.98 -17.29 -17.27
C VAL C 25 16.38 -16.71 -17.33
N TYR C 26 16.98 -16.73 -18.51
CA TYR C 26 18.30 -16.16 -18.75
C TYR C 26 18.17 -14.77 -19.32
N THR C 27 19.24 -13.99 -19.24
CA THR C 27 19.30 -12.66 -19.83
C THR C 27 20.51 -12.56 -20.74
N GLU C 28 20.77 -11.35 -21.25
CA GLU C 28 21.97 -11.12 -22.03
C GLU C 28 23.17 -10.84 -21.15
N THR C 29 22.99 -10.06 -20.09
CA THR C 29 24.10 -9.68 -19.25
C THR C 29 24.52 -10.78 -18.28
N GLY C 30 23.69 -11.81 -18.10
CA GLY C 30 24.02 -12.88 -17.19
C GLY C 30 23.14 -12.98 -15.96
N ALA C 31 22.10 -12.16 -15.85
CA ALA C 31 21.17 -12.28 -14.75
C ALA C 31 20.36 -13.57 -14.88
N PHE C 32 19.79 -14.01 -13.77
CA PHE C 32 19.29 -15.37 -13.69
C PHE C 32 18.16 -15.45 -12.69
N GLY C 33 17.04 -16.04 -13.10
CA GLY C 33 15.92 -16.25 -12.21
C GLY C 33 15.53 -17.71 -12.20
N ARG C 34 14.85 -18.11 -11.13
CA ARG C 34 14.48 -19.51 -10.96
C ARG C 34 13.30 -19.59 -10.01
N ALA C 35 12.23 -20.26 -10.45
CA ALA C 35 11.03 -20.40 -9.65
C ALA C 35 10.47 -21.80 -9.84
N LEU C 36 9.72 -22.26 -8.85
CA LEU C 36 9.11 -23.58 -8.89
C LEU C 36 7.65 -23.49 -9.28
N VAL C 37 7.25 -24.35 -10.20
CA VAL C 37 5.84 -24.44 -10.60
C VAL C 37 5.10 -25.26 -9.55
N PRO C 38 4.02 -24.73 -8.97
CA PRO C 38 3.24 -25.51 -8.02
C PRO C 38 2.55 -26.69 -8.69
N SER C 39 2.21 -27.67 -7.88
CA SER C 39 1.54 -28.87 -8.35
C SER C 39 0.43 -29.26 -7.38
N GLY C 40 -0.46 -28.32 -7.12
CA GLY C 40 -1.45 -28.45 -6.07
C GLY C 40 -2.81 -28.94 -6.53
N ALA C 41 -3.84 -28.42 -5.86
CA ALA C 41 -5.22 -28.80 -6.10
C ALA C 41 -5.95 -27.70 -6.89
N SER C 42 -7.04 -28.10 -7.54
CA SER C 42 -7.78 -27.22 -8.43
C SER C 42 -9.21 -27.03 -7.95
N THR C 43 -9.39 -26.79 -6.65
CA THR C 43 -10.72 -26.57 -6.10
C THR C 43 -11.28 -25.22 -6.57
N GLY C 44 -12.61 -25.14 -6.59
CA GLY C 44 -13.28 -23.95 -7.06
C GLY C 44 -13.50 -23.97 -8.56
N GLU C 45 -14.42 -23.11 -9.01
CA GLU C 45 -14.76 -23.04 -10.43
C GLU C 45 -14.71 -21.59 -10.92
N TYR C 46 -14.93 -20.63 -10.03
CA TYR C 46 -14.95 -19.22 -10.39
C TYR C 46 -13.57 -18.58 -10.32
N GLU C 47 -12.53 -19.36 -10.13
CA GLU C 47 -11.17 -18.86 -10.04
C GLU C 47 -10.28 -19.57 -11.05
N ALA C 48 -9.00 -19.22 -11.04
CA ALA C 48 -8.04 -19.77 -11.98
C ALA C 48 -7.67 -21.20 -11.58
N VAL C 49 -7.94 -22.15 -12.46
CA VAL C 49 -7.70 -23.55 -12.18
C VAL C 49 -6.29 -23.92 -12.60
N GLU C 50 -5.70 -24.88 -11.90
CA GLU C 50 -4.37 -25.37 -12.21
C GLU C 50 -4.49 -26.63 -13.07
N LEU C 51 -3.55 -26.78 -13.99
CA LEU C 51 -3.64 -27.80 -15.05
C LEU C 51 -2.49 -28.78 -14.90
N ARG C 52 -2.83 -30.05 -14.68
CA ARG C 52 -1.88 -31.15 -14.69
C ARG C 52 -2.32 -32.14 -15.77
N ASP C 53 -1.61 -33.26 -15.86
CA ASP C 53 -2.06 -34.33 -16.74
C ASP C 53 -3.29 -35.03 -16.17
N GLY C 54 -3.41 -35.05 -14.84
CA GLY C 54 -4.51 -35.76 -14.22
C GLY C 54 -4.39 -37.27 -14.26
N ASP C 55 -3.20 -37.77 -14.54
CA ASP C 55 -3.00 -39.21 -14.70
C ASP C 55 -2.81 -39.82 -13.32
N LYS C 56 -3.78 -40.67 -12.91
CA LYS C 56 -3.68 -41.34 -11.62
C LYS C 56 -2.60 -42.41 -11.61
N ASP C 57 -2.20 -42.91 -12.77
CA ASP C 57 -1.07 -43.83 -12.84
C ASP C 57 0.27 -43.11 -12.75
N ARG C 58 0.29 -41.80 -12.91
CA ARG C 58 1.50 -40.99 -12.81
C ARG C 58 1.30 -39.99 -11.67
N TYR C 59 1.61 -40.44 -10.45
CA TYR C 59 1.62 -39.62 -9.22
C TYR C 59 0.26 -39.00 -8.92
N LEU C 60 -0.79 -39.84 -9.01
CA LEU C 60 -2.18 -39.55 -8.58
C LEU C 60 -2.77 -38.30 -9.21
N GLY C 61 -2.29 -37.92 -10.39
CA GLY C 61 -2.79 -36.76 -11.09
C GLY C 61 -1.92 -35.53 -11.01
N LYS C 62 -0.60 -35.68 -10.99
CA LYS C 62 0.34 -34.57 -10.93
C LYS C 62 1.35 -34.67 -12.07
N GLY C 63 0.85 -34.88 -13.28
CA GLY C 63 1.72 -35.02 -14.43
C GLY C 63 2.33 -33.70 -14.88
N VAL C 64 3.50 -33.81 -15.49
CA VAL C 64 4.35 -32.65 -15.75
C VAL C 64 4.52 -32.35 -17.23
N LEU C 65 4.14 -33.26 -18.13
CA LEU C 65 4.43 -33.07 -19.55
C LEU C 65 3.59 -31.95 -20.14
N THR C 66 2.31 -31.91 -19.80
CA THR C 66 1.45 -30.84 -20.28
C THR C 66 1.70 -29.52 -19.57
N ALA C 67 2.49 -29.52 -18.50
CA ALA C 67 2.88 -28.27 -17.86
C ALA C 67 4.23 -27.77 -18.35
N VAL C 68 5.08 -28.66 -18.85
CA VAL C 68 6.39 -28.21 -19.33
C VAL C 68 6.35 -27.94 -20.84
N ASN C 69 5.44 -28.58 -21.58
CA ASN C 69 5.35 -28.28 -23.00
C ASN C 69 4.71 -26.94 -23.25
N ASN C 70 3.77 -26.54 -22.38
CA ASN C 70 3.16 -25.22 -22.51
C ASN C 70 4.14 -24.11 -22.23
N VAL C 71 5.18 -24.36 -21.44
CA VAL C 71 6.20 -23.35 -21.21
C VAL C 71 7.23 -23.38 -22.33
N ASN C 72 7.66 -24.57 -22.75
CA ASN C 72 8.75 -24.66 -23.71
C ASN C 72 8.33 -24.40 -25.15
N GLU C 73 7.04 -24.53 -25.50
CA GLU C 73 6.66 -24.44 -26.90
C GLU C 73 5.62 -23.37 -27.20
N ILE C 74 5.06 -22.71 -26.20
CA ILE C 74 4.08 -21.65 -26.41
C ILE C 74 4.51 -20.35 -25.75
N ILE C 75 4.84 -20.40 -24.47
CA ILE C 75 5.19 -19.19 -23.73
C ILE C 75 6.60 -18.72 -24.11
N ALA C 76 7.52 -19.67 -24.31
CA ALA C 76 8.89 -19.30 -24.62
C ALA C 76 9.11 -18.60 -25.96
N PRO C 77 8.48 -18.97 -27.09
CA PRO C 77 8.72 -18.18 -28.31
C PRO C 77 8.13 -16.77 -28.30
N GLU C 78 7.31 -16.42 -27.31
CA GLU C 78 6.75 -15.09 -27.22
C GLU C 78 7.53 -14.17 -26.28
N LEU C 79 8.62 -14.65 -25.68
CA LEU C 79 9.36 -13.86 -24.72
C LEU C 79 10.84 -13.73 -25.07
N LEU C 80 11.21 -13.94 -26.33
CA LEU C 80 12.57 -13.59 -26.73
C LEU C 80 12.67 -12.11 -27.01
N GLY C 81 13.84 -11.54 -26.70
CA GLY C 81 14.12 -10.15 -27.01
C GLY C 81 13.31 -9.15 -26.25
N PHE C 82 12.70 -9.56 -25.15
CA PHE C 82 11.81 -8.70 -24.38
C PHE C 82 12.56 -8.23 -23.14
N ASP C 83 12.24 -7.04 -22.67
CA ASP C 83 12.96 -6.47 -21.55
C ASP C 83 12.46 -7.08 -20.25
N VAL C 84 13.38 -7.44 -19.37
CA VAL C 84 13.01 -8.25 -18.21
C VAL C 84 12.62 -7.41 -17.01
N THR C 85 12.93 -6.11 -17.00
CA THR C 85 12.57 -5.25 -15.90
C THR C 85 11.21 -4.59 -16.09
N GLU C 86 10.37 -5.13 -16.96
CA GLU C 86 9.03 -4.62 -17.21
C GLU C 86 8.06 -5.72 -16.84
N GLN C 87 7.65 -5.74 -15.58
CA GLN C 87 6.85 -6.85 -15.09
C GLN C 87 5.40 -6.76 -15.56
N ASN C 88 4.86 -5.55 -15.67
CA ASN C 88 3.45 -5.41 -16.01
C ASN C 88 3.18 -5.78 -17.46
N ALA C 89 4.12 -5.48 -18.35
CA ALA C 89 3.95 -5.85 -19.75
C ALA C 89 4.00 -7.36 -19.94
N ILE C 90 4.86 -8.05 -19.18
CA ILE C 90 4.91 -9.50 -19.24
C ILE C 90 3.64 -10.11 -18.67
N ASP C 91 3.13 -9.56 -17.57
CA ASP C 91 1.90 -10.09 -17.00
C ASP C 91 0.68 -9.80 -17.86
N GLN C 92 0.73 -8.77 -18.71
CA GLN C 92 -0.37 -8.62 -19.65
C GLN C 92 -0.20 -9.53 -20.87
N LEU C 93 1.03 -9.76 -21.31
CA LEU C 93 1.30 -10.64 -22.43
C LEU C 93 0.92 -12.09 -22.13
N LEU C 94 1.15 -12.54 -20.90
CA LEU C 94 0.82 -13.92 -20.55
C LEU C 94 -0.69 -14.15 -20.51
N ILE C 95 -1.43 -13.17 -20.03
CA ILE C 95 -2.89 -13.29 -20.00
C ILE C 95 -3.46 -13.20 -21.41
N GLU C 96 -2.85 -12.40 -22.28
CA GLU C 96 -3.29 -12.37 -23.67
C GLU C 96 -2.96 -13.66 -24.40
N LEU C 97 -1.87 -14.33 -24.05
CA LEU C 97 -1.61 -15.65 -24.62
C LEU C 97 -2.57 -16.69 -24.08
N ASP C 98 -3.00 -16.55 -22.83
CA ASP C 98 -3.94 -17.51 -22.26
C ASP C 98 -5.31 -17.40 -22.92
N GLY C 99 -5.95 -16.24 -22.82
CA GLY C 99 -7.17 -15.99 -23.54
C GLY C 99 -8.44 -16.12 -22.72
N THR C 100 -8.54 -17.18 -21.90
CA THR C 100 -9.76 -17.41 -21.15
C THR C 100 -9.67 -16.74 -19.78
N GLU C 101 -10.70 -16.95 -18.96
CA GLU C 101 -10.78 -16.26 -17.68
C GLU C 101 -10.15 -17.07 -16.55
N ASN C 102 -10.40 -18.38 -16.51
CA ASN C 102 -9.90 -19.24 -15.45
C ASN C 102 -8.53 -19.82 -15.73
N LYS C 103 -7.77 -19.21 -16.66
CA LYS C 103 -6.40 -19.60 -17.02
C LYS C 103 -6.30 -21.04 -17.51
N GLY C 104 -7.37 -21.58 -18.06
CA GLY C 104 -7.45 -23.00 -18.33
C GLY C 104 -6.77 -23.46 -19.60
N LYS C 105 -6.18 -22.53 -20.35
CA LYS C 105 -5.47 -22.89 -21.57
C LYS C 105 -4.02 -23.24 -21.32
N LEU C 106 -3.32 -22.48 -20.48
CA LEU C 106 -1.94 -22.75 -20.12
C LEU C 106 -1.79 -23.27 -18.70
N GLY C 107 -2.83 -23.20 -17.89
CA GLY C 107 -2.72 -23.56 -16.50
C GLY C 107 -2.31 -22.36 -15.67
N ALA C 108 -2.89 -22.21 -14.48
CA ALA C 108 -2.52 -21.11 -13.62
C ALA C 108 -1.21 -21.34 -12.89
N ASN C 109 -0.57 -22.48 -13.10
CA ASN C 109 0.73 -22.75 -12.52
C ASN C 109 1.88 -22.47 -13.48
N ALA C 110 1.68 -22.67 -14.78
CA ALA C 110 2.73 -22.37 -15.73
C ALA C 110 2.91 -20.88 -15.96
N ILE C 111 1.87 -20.09 -15.71
CA ILE C 111 2.01 -18.64 -15.85
C ILE C 111 2.70 -18.06 -14.62
N LEU C 112 2.38 -18.57 -13.43
CA LEU C 112 2.97 -18.06 -12.21
C LEU C 112 4.46 -18.34 -12.13
N GLY C 113 4.89 -19.50 -12.64
CA GLY C 113 6.32 -19.80 -12.63
C GLY C 113 7.14 -18.85 -13.49
N VAL C 114 6.62 -18.54 -14.68
CA VAL C 114 7.30 -17.59 -15.55
C VAL C 114 7.23 -16.19 -14.96
N SER C 115 6.10 -15.82 -14.38
CA SER C 115 5.96 -14.46 -13.87
C SER C 115 6.64 -14.25 -12.53
N MET C 116 7.16 -15.29 -11.89
CA MET C 116 8.09 -15.06 -10.78
C MET C 116 9.53 -15.27 -11.16
N ALA C 117 9.84 -16.08 -12.18
CA ALA C 117 11.21 -16.14 -12.65
C ALA C 117 11.62 -14.83 -13.29
N CYS C 118 10.71 -14.20 -14.04
CA CYS C 118 11.00 -12.90 -14.63
C CYS C 118 10.93 -11.76 -13.63
N ALA C 119 10.62 -12.02 -12.36
CA ALA C 119 10.76 -11.02 -11.32
C ALA C 119 11.88 -11.32 -10.36
N ARG C 120 12.39 -12.55 -10.34
CA ARG C 120 13.63 -12.83 -9.63
C ARG C 120 14.84 -12.58 -10.50
N ALA C 121 14.68 -12.51 -11.82
CA ALA C 121 15.80 -12.11 -12.67
C ALA C 121 16.01 -10.60 -12.66
N ALA C 122 14.93 -9.83 -12.58
CA ALA C 122 15.07 -8.38 -12.58
C ALA C 122 15.66 -7.88 -11.28
N ALA C 123 15.38 -8.57 -10.17
CA ALA C 123 16.00 -8.20 -8.92
C ALA C 123 17.47 -8.59 -8.87
N ASP C 124 17.87 -9.57 -9.67
CA ASP C 124 19.28 -9.90 -9.77
C ASP C 124 20.00 -8.92 -10.70
N PHE C 125 19.31 -8.41 -11.70
CA PHE C 125 19.95 -7.46 -12.61
C PHE C 125 20.21 -6.12 -11.95
N LEU C 126 19.27 -5.62 -11.17
CA LEU C 126 19.41 -4.31 -10.54
C LEU C 126 20.26 -4.34 -9.27
N GLN C 127 20.61 -5.53 -8.78
CA GLN C 127 21.35 -5.75 -7.54
C GLN C 127 20.65 -5.12 -6.33
N ILE C 128 19.33 -5.30 -6.25
CA ILE C 128 18.56 -4.94 -5.06
C ILE C 128 17.90 -6.22 -4.56
N PRO C 129 17.56 -6.29 -3.28
CA PRO C 129 16.85 -7.46 -2.78
C PRO C 129 15.43 -7.52 -3.33
N LEU C 130 14.86 -8.72 -3.33
CA LEU C 130 13.59 -8.94 -3.99
C LEU C 130 12.43 -8.28 -3.27
N TYR C 131 12.50 -8.17 -1.94
CA TYR C 131 11.44 -7.48 -1.22
C TYR C 131 11.47 -5.98 -1.41
N GLN C 132 12.52 -5.41 -2.01
CA GLN C 132 12.52 -4.01 -2.39
C GLN C 132 12.22 -3.78 -3.85
N TYR C 133 12.44 -4.78 -4.70
CA TYR C 133 11.99 -4.64 -6.08
C TYR C 133 10.48 -4.65 -6.14
N LEU C 134 9.84 -5.48 -5.32
CA LEU C 134 8.40 -5.63 -5.38
C LEU C 134 7.67 -4.56 -4.58
N GLY C 135 8.32 -3.94 -3.61
CA GLY C 135 7.57 -3.13 -2.66
C GLY C 135 8.12 -1.77 -2.33
N GLY C 136 9.22 -1.36 -2.93
CA GLY C 136 9.67 0.01 -2.74
C GLY C 136 10.92 0.09 -1.90
N PHE C 137 11.05 1.14 -1.09
CA PHE C 137 12.09 1.16 -0.07
C PHE C 137 11.52 0.94 1.31
N ASN C 138 10.27 1.32 1.54
CA ASN C 138 9.65 1.20 2.84
C ASN C 138 8.83 -0.08 2.91
N SER C 139 9.52 -1.20 2.69
CA SER C 139 8.95 -2.52 2.87
C SER C 139 9.82 -3.17 3.91
N LYS C 140 9.40 -3.11 5.17
CA LYS C 140 10.25 -3.53 6.26
C LYS C 140 9.51 -4.23 7.38
N THR C 141 8.28 -4.69 7.15
CA THR C 141 7.41 -5.13 8.23
C THR C 141 7.08 -6.60 8.05
N LEU C 142 7.71 -7.46 8.83
CA LEU C 142 7.53 -8.90 8.68
C LEU C 142 6.18 -9.35 9.23
N PRO C 143 5.56 -10.36 8.63
CA PRO C 143 4.21 -10.75 9.03
C PRO C 143 4.20 -11.56 10.31
N VAL C 144 2.99 -11.92 10.74
CA VAL C 144 2.76 -12.72 11.93
C VAL C 144 2.51 -14.16 11.50
N PRO C 145 3.32 -15.12 11.94
CA PRO C 145 3.12 -16.49 11.46
C PRO C 145 1.92 -17.16 12.10
N MET C 146 1.09 -17.79 11.29
CA MET C 146 -0.04 -18.59 11.74
C MET C 146 0.37 -20.04 11.63
N MET C 147 0.52 -20.71 12.76
CA MET C 147 1.27 -21.95 12.84
C MET C 147 0.33 -23.08 13.25
N ASN C 148 0.06 -24.01 12.35
CA ASN C 148 -0.92 -25.06 12.58
C ASN C 148 -0.44 -26.00 13.67
N ILE C 149 -1.30 -26.26 14.66
CA ILE C 149 -0.87 -26.95 15.88
C ILE C 149 -1.68 -28.22 16.15
N VAL C 150 -3.00 -28.20 15.96
CA VAL C 150 -3.84 -29.37 16.20
C VAL C 150 -4.80 -29.52 15.02
N ASN C 151 -4.79 -30.68 14.38
CA ASN C 151 -5.70 -30.97 13.30
C ASN C 151 -6.94 -31.69 13.81
N GLY C 152 -7.95 -31.76 12.95
CA GLY C 152 -9.17 -32.45 13.30
C GLY C 152 -10.08 -32.49 12.08
N GLY C 153 -11.23 -33.14 12.26
CA GLY C 153 -12.20 -33.22 11.20
C GLY C 153 -11.84 -34.22 10.12
N GLU C 154 -11.60 -33.72 8.91
CA GLU C 154 -11.28 -34.62 7.80
C GLU C 154 -9.86 -35.13 7.88
N HIS C 155 -8.93 -34.32 8.40
CA HIS C 155 -7.51 -34.66 8.42
C HIS C 155 -7.16 -35.75 9.43
N ALA C 156 -8.07 -36.15 10.30
CA ALA C 156 -7.75 -37.12 11.33
C ALA C 156 -8.98 -37.97 11.61
N ASP C 157 -8.82 -38.92 12.52
CA ASP C 157 -9.90 -39.78 13.00
C ASP C 157 -10.12 -39.49 14.48
N ASN C 158 -10.91 -38.46 14.74
CA ASN C 158 -11.21 -38.03 16.11
C ASN C 158 -12.52 -37.27 16.08
N ASN C 159 -13.02 -36.93 17.27
CA ASN C 159 -14.29 -36.24 17.40
C ASN C 159 -14.16 -34.73 17.41
N VAL C 160 -13.09 -34.20 16.82
CA VAL C 160 -12.92 -32.76 16.70
C VAL C 160 -13.50 -32.31 15.37
N ASP C 161 -14.44 -31.38 15.42
CA ASP C 161 -15.16 -30.97 14.23
C ASP C 161 -14.47 -29.82 13.49
N ILE C 162 -13.79 -28.94 14.20
CA ILE C 162 -13.01 -27.89 13.57
C ILE C 162 -11.80 -28.53 12.90
N GLN C 163 -11.45 -28.05 11.70
CA GLN C 163 -10.41 -28.72 10.93
C GLN C 163 -9.02 -28.43 11.50
N GLU C 164 -8.66 -27.15 11.61
CA GLU C 164 -7.32 -26.75 12.02
C GLU C 164 -7.40 -25.71 13.11
N PHE C 165 -6.63 -25.90 14.18
CA PHE C 165 -6.40 -24.87 15.18
C PHE C 165 -5.02 -24.29 14.97
N MET C 166 -4.90 -22.98 15.09
CA MET C 166 -3.64 -22.30 14.81
C MET C 166 -3.27 -21.43 16.00
N ILE C 167 -1.99 -21.15 16.16
CA ILE C 167 -1.56 -20.17 17.15
C ILE C 167 -0.89 -19.02 16.42
N MET C 168 -0.97 -17.83 17.00
CA MET C 168 -0.50 -16.61 16.38
C MET C 168 0.24 -15.80 17.42
N PRO C 169 1.55 -15.96 17.53
CA PRO C 169 2.28 -15.22 18.55
C PRO C 169 2.39 -13.74 18.22
N VAL C 170 1.59 -12.92 18.91
CA VAL C 170 1.53 -11.49 18.64
C VAL C 170 2.22 -10.66 19.70
N GLY C 171 2.73 -11.27 20.76
CA GLY C 171 3.36 -10.51 21.81
C GLY C 171 4.88 -10.55 21.74
N ALA C 172 5.39 -10.79 20.61
CA ALA C 172 6.83 -10.90 20.49
C ALA C 172 7.41 -9.61 19.93
N PRO C 173 8.66 -9.25 20.29
CA PRO C 173 9.21 -8.01 19.75
C PRO C 173 9.60 -8.08 18.28
N ASN C 174 10.21 -9.18 17.84
CA ASN C 174 10.59 -9.33 16.44
C ASN C 174 10.25 -10.74 16.00
N PHE C 175 10.52 -11.04 14.72
CA PHE C 175 10.05 -12.29 14.13
C PHE C 175 10.76 -13.50 14.73
N ARG C 176 12.02 -13.34 15.11
CA ARG C 176 12.79 -14.47 15.60
C ARG C 176 12.28 -14.94 16.96
N GLU C 177 11.90 -14.01 17.84
CA GLU C 177 11.26 -14.40 19.08
C GLU C 177 9.88 -14.98 18.83
N ALA C 178 9.17 -14.49 17.81
CA ALA C 178 7.86 -15.04 17.48
C ALA C 178 7.95 -16.46 16.97
N LEU C 179 9.08 -16.83 16.40
CA LEU C 179 9.26 -18.20 15.98
C LEU C 179 9.72 -19.08 17.14
N ARG C 180 10.54 -18.53 18.03
CA ARG C 180 11.01 -19.29 19.19
C ARG C 180 9.86 -19.61 20.14
N MET C 181 8.91 -18.69 20.29
CA MET C 181 7.74 -18.92 21.13
C MET C 181 6.93 -20.11 20.65
N GLY C 182 6.71 -20.18 19.34
CA GLY C 182 5.99 -21.33 18.80
C GLY C 182 6.77 -22.61 18.92
N ALA C 183 8.10 -22.53 18.77
CA ALA C 183 8.94 -23.71 18.96
C ALA C 183 8.88 -24.25 20.37
N GLN C 184 8.62 -23.38 21.34
CA GLN C 184 8.46 -23.86 22.71
C GLN C 184 7.04 -24.33 23.02
N ILE C 185 6.02 -23.71 22.39
CA ILE C 185 4.64 -24.13 22.60
C ILE C 185 4.39 -25.53 22.05
N PHE C 186 5.03 -25.87 20.92
CA PHE C 186 4.89 -27.24 20.41
C PHE C 186 5.47 -28.28 21.35
N HIS C 187 6.61 -27.97 21.98
CA HIS C 187 7.18 -28.90 22.96
C HIS C 187 6.30 -29.04 24.19
N SER C 188 5.70 -27.93 24.64
CA SER C 188 4.81 -28.01 25.79
C SER C 188 3.55 -28.81 25.48
N LEU C 189 3.02 -28.67 24.26
CA LEU C 189 1.84 -29.44 23.91
C LEU C 189 2.16 -30.92 23.74
N LYS C 190 3.35 -31.24 23.22
CA LYS C 190 3.74 -32.65 23.14
C LYS C 190 3.91 -33.24 24.53
N SER C 191 4.39 -32.45 25.49
CA SER C 191 4.48 -32.90 26.87
C SER C 191 3.09 -33.15 27.47
N VAL C 192 2.14 -32.25 27.22
CA VAL C 192 0.79 -32.40 27.76
C VAL C 192 0.10 -33.62 27.15
N LEU C 193 0.21 -33.78 25.83
CA LEU C 193 -0.44 -34.92 25.17
C LEU C 193 0.21 -36.24 25.53
N SER C 194 1.52 -36.25 25.82
CA SER C 194 2.12 -37.48 26.32
C SER C 194 1.75 -37.73 27.77
N ALA C 195 1.46 -36.68 28.54
CA ALA C 195 0.97 -36.89 29.89
C ALA C 195 -0.44 -37.47 29.89
N LYS C 196 -1.29 -37.05 28.95
CA LYS C 196 -2.61 -37.65 28.82
C LYS C 196 -2.56 -39.06 28.25
N GLY C 197 -1.48 -39.43 27.58
CA GLY C 197 -1.40 -40.73 26.95
C GLY C 197 -2.11 -40.78 25.60
N LEU C 198 -1.66 -39.96 24.66
CA LEU C 198 -2.21 -39.91 23.32
C LEU C 198 -1.09 -40.06 22.30
N ASN C 199 -1.46 -40.01 21.03
CA ASN C 199 -0.48 -40.11 19.95
C ASN C 199 0.09 -38.74 19.65
N THR C 200 1.43 -38.63 19.68
CA THR C 200 2.11 -37.35 19.49
C THR C 200 2.84 -37.28 18.16
N ALA C 201 2.42 -38.07 17.17
CA ALA C 201 3.05 -38.02 15.87
C ALA C 201 2.59 -36.79 15.11
N VAL C 202 3.45 -36.30 14.22
CA VAL C 202 3.16 -35.09 13.46
C VAL C 202 2.18 -35.43 12.34
N GLY C 203 1.08 -34.70 12.28
CA GLY C 203 0.04 -34.96 11.31
C GLY C 203 0.29 -34.37 9.94
N ASP C 204 -0.74 -33.77 9.35
CA ASP C 204 -0.64 -33.37 7.95
C ASP C 204 0.17 -32.09 7.77
N GLU C 205 -0.37 -30.96 8.21
CA GLU C 205 0.24 -29.68 7.90
C GLU C 205 1.28 -29.27 8.91
N GLY C 206 1.72 -30.18 9.77
CA GLY C 206 2.70 -29.89 10.79
C GLY C 206 2.17 -30.02 12.20
N GLY C 207 0.86 -29.93 12.38
CA GLY C 207 0.29 -30.04 13.69
C GLY C 207 0.13 -31.48 14.12
N PHE C 208 -0.38 -31.64 15.34
CA PHE C 208 -0.63 -32.97 15.87
C PHE C 208 -2.01 -33.45 15.44
N ALA C 209 -2.30 -34.71 15.75
CA ALA C 209 -3.63 -35.27 15.51
C ALA C 209 -3.91 -36.32 16.57
N PRO C 210 -4.28 -35.90 17.78
CA PRO C 210 -4.52 -36.88 18.84
C PRO C 210 -5.93 -37.44 18.78
N ASN C 211 -6.31 -38.21 19.79
CA ASN C 211 -7.65 -38.78 19.89
C ASN C 211 -8.38 -37.99 20.99
N LEU C 212 -9.03 -36.91 20.59
CA LEU C 212 -9.75 -36.06 21.52
C LEU C 212 -11.25 -36.30 21.45
N GLY C 213 -11.99 -35.68 22.36
CA GLY C 213 -13.40 -35.94 22.50
C GLY C 213 -14.32 -34.86 21.99
N SER C 214 -13.90 -33.60 22.08
CA SER C 214 -14.73 -32.49 21.66
C SER C 214 -13.84 -31.33 21.25
N ASN C 215 -14.48 -30.26 20.75
CA ASN C 215 -13.74 -29.04 20.44
C ASN C 215 -13.28 -28.34 21.71
N GLU C 216 -14.08 -28.45 22.77
CA GLU C 216 -13.74 -27.80 24.04
C GLU C 216 -12.55 -28.46 24.70
N GLU C 217 -12.37 -29.77 24.50
CA GLU C 217 -11.20 -30.44 25.05
C GLU C 217 -9.92 -29.99 24.36
N ALA C 218 -9.99 -29.79 23.04
CA ALA C 218 -8.84 -29.28 22.31
C ALA C 218 -8.51 -27.85 22.71
N LEU C 219 -9.53 -27.01 22.86
CA LEU C 219 -9.28 -25.65 23.29
C LEU C 219 -8.86 -25.55 24.75
N GLN C 220 -9.18 -26.54 25.58
CA GLN C 220 -8.58 -26.59 26.91
C GLN C 220 -7.12 -26.98 26.85
N THR C 221 -6.80 -27.98 26.01
CA THR C 221 -5.45 -28.53 25.99
C THR C 221 -4.46 -27.54 25.40
N ILE C 222 -4.86 -26.80 24.36
CA ILE C 222 -3.95 -25.83 23.76
C ILE C 222 -3.68 -24.67 24.70
N VAL C 223 -4.71 -24.18 25.39
CA VAL C 223 -4.52 -23.08 26.34
C VAL C 223 -3.71 -23.54 27.54
N GLU C 224 -3.88 -24.79 27.97
CA GLU C 224 -3.06 -25.32 29.05
C GLU C 224 -1.59 -25.46 28.63
N ALA C 225 -1.35 -25.78 27.36
CA ALA C 225 0.03 -25.86 26.89
C ALA C 225 0.66 -24.48 26.77
N ILE C 226 -0.13 -23.47 26.36
CA ILE C 226 0.37 -22.11 26.30
C ILE C 226 0.71 -21.60 27.70
N GLU C 227 -0.10 -21.96 28.69
CA GLU C 227 0.18 -21.55 30.06
C GLU C 227 1.39 -22.27 30.63
N LYS C 228 1.56 -23.56 30.30
CA LYS C 228 2.71 -24.29 30.82
C LYS C 228 4.00 -23.93 30.09
N ALA C 229 3.92 -23.36 28.90
CA ALA C 229 5.13 -22.90 28.22
C ALA C 229 5.69 -21.64 28.84
N GLY C 230 4.89 -20.89 29.59
CA GLY C 230 5.34 -19.69 30.25
C GLY C 230 4.77 -18.39 29.73
N PHE C 231 3.83 -18.45 28.81
CA PHE C 231 3.30 -17.26 28.17
C PHE C 231 1.86 -17.03 28.64
N LYS C 232 1.42 -15.78 28.51
CA LYS C 232 0.07 -15.43 28.92
C LYS C 232 -0.85 -15.44 27.71
N PRO C 233 -1.86 -16.30 27.67
CA PRO C 233 -2.76 -16.31 26.51
C PRO C 233 -3.66 -15.09 26.51
N GLY C 234 -4.05 -14.68 25.31
CA GLY C 234 -4.86 -13.50 25.15
C GLY C 234 -4.09 -12.19 25.10
N GLU C 235 -2.83 -12.19 25.51
CA GLU C 235 -1.99 -11.00 25.45
C GLU C 235 -0.79 -11.20 24.57
N GLU C 236 -0.20 -12.38 24.56
CA GLU C 236 0.96 -12.69 23.74
C GLU C 236 0.70 -13.75 22.70
N VAL C 237 -0.11 -14.76 23.00
CA VAL C 237 -0.40 -15.84 22.08
C VAL C 237 -1.91 -15.90 21.89
N LYS C 238 -2.36 -15.60 20.69
CA LYS C 238 -3.78 -15.73 20.37
C LYS C 238 -4.06 -17.14 19.86
N LEU C 239 -5.24 -17.36 19.28
CA LEU C 239 -5.55 -18.58 18.56
C LEU C 239 -6.22 -18.22 17.26
N ALA C 240 -6.56 -19.23 16.48
CA ALA C 240 -7.35 -19.05 15.27
C ALA C 240 -8.04 -20.38 15.02
N MET C 241 -8.97 -20.38 14.07
CA MET C 241 -9.58 -21.64 13.66
C MET C 241 -9.70 -21.68 12.16
N ASP C 242 -9.80 -22.89 11.64
CA ASP C 242 -10.26 -23.14 10.28
C ASP C 242 -11.40 -24.12 10.47
N ALA C 243 -12.63 -23.61 10.40
CA ALA C 243 -13.78 -24.42 10.78
C ALA C 243 -14.07 -25.47 9.72
N ALA C 244 -13.92 -25.12 8.44
CA ALA C 244 -14.28 -25.94 7.28
C ALA C 244 -15.69 -26.49 7.41
N SER C 245 -16.64 -25.57 7.61
CA SER C 245 -18.02 -25.94 7.87
C SER C 245 -18.73 -26.51 6.65
N SER C 246 -18.11 -26.42 5.46
CA SER C 246 -18.68 -27.05 4.29
C SER C 246 -18.64 -28.57 4.36
N GLU C 247 -17.80 -29.14 5.22
CA GLU C 247 -17.67 -30.58 5.27
C GLU C 247 -18.80 -31.24 6.04
N PHE C 248 -19.36 -30.56 7.04
CA PHE C 248 -20.46 -31.13 7.82
C PHE C 248 -21.77 -30.36 7.62
N TYR C 249 -21.92 -29.68 6.50
CA TYR C 249 -23.16 -29.00 6.15
C TYR C 249 -23.99 -29.89 5.25
N ASN C 250 -25.13 -30.33 5.74
CA ASN C 250 -26.05 -31.13 4.93
C ASN C 250 -26.87 -30.18 4.06
N LYS C 251 -26.75 -30.33 2.74
CA LYS C 251 -27.32 -29.36 1.81
C LYS C 251 -28.84 -29.49 1.69
N GLU C 252 -29.36 -30.71 1.81
CA GLU C 252 -30.77 -30.97 1.51
C GLU C 252 -31.71 -30.34 2.53
N ASP C 253 -31.24 -30.14 3.77
CA ASP C 253 -32.07 -29.54 4.80
C ASP C 253 -31.50 -28.27 5.39
N GLY C 254 -30.22 -27.96 5.12
CA GLY C 254 -29.64 -26.72 5.60
C GLY C 254 -29.33 -26.71 7.08
N LYS C 255 -29.01 -27.86 7.67
CA LYS C 255 -28.65 -27.94 9.07
C LYS C 255 -27.23 -28.50 9.21
N TYR C 256 -26.49 -27.97 10.17
CA TYR C 256 -25.12 -28.37 10.42
C TYR C 256 -25.09 -29.60 11.31
N HIS C 257 -24.40 -30.64 10.87
CA HIS C 257 -24.34 -31.91 11.59
C HIS C 257 -22.98 -32.01 12.27
N LEU C 258 -22.90 -31.52 13.50
CA LEU C 258 -21.68 -31.68 14.30
C LEU C 258 -21.56 -33.13 14.73
N SER C 259 -20.76 -33.90 13.98
CA SER C 259 -20.58 -35.31 14.30
C SER C 259 -19.75 -35.51 15.56
N GLY C 260 -18.96 -34.52 15.96
CA GLY C 260 -18.16 -34.69 17.16
C GLY C 260 -18.99 -34.63 18.42
N GLU C 261 -19.85 -33.62 18.54
CA GLU C 261 -20.73 -33.50 19.69
C GLU C 261 -22.05 -34.23 19.50
N GLY C 262 -22.33 -34.74 18.30
CA GLY C 262 -23.56 -35.46 18.05
C GLY C 262 -24.81 -34.62 18.07
N VAL C 263 -24.67 -33.31 17.87
CA VAL C 263 -25.78 -32.37 17.98
C VAL C 263 -25.97 -31.69 16.63
N VAL C 264 -27.19 -31.71 16.12
CA VAL C 264 -27.52 -31.03 14.89
C VAL C 264 -27.94 -29.60 15.23
N LYS C 265 -27.13 -28.64 14.82
CA LYS C 265 -27.40 -27.23 15.07
C LYS C 265 -27.90 -26.57 13.80
N THR C 266 -28.85 -25.65 13.95
CA THR C 266 -29.34 -24.86 12.83
C THR C 266 -28.43 -23.65 12.63
N SER C 267 -28.74 -22.84 11.61
CA SER C 267 -27.85 -21.77 11.21
C SER C 267 -27.86 -20.60 12.18
N ALA C 268 -28.81 -20.54 13.11
CA ALA C 268 -28.80 -19.51 14.13
C ALA C 268 -28.16 -19.97 15.42
N GLU C 269 -27.95 -21.28 15.58
CA GLU C 269 -27.30 -21.80 16.77
C GLU C 269 -25.79 -21.87 16.64
N MET C 270 -25.27 -21.91 15.41
CA MET C 270 -23.83 -21.92 15.20
C MET C 270 -23.20 -20.61 15.63
N VAL C 271 -23.87 -19.49 15.39
CA VAL C 271 -23.35 -18.21 15.82
C VAL C 271 -23.40 -18.09 17.34
N ASP C 272 -24.41 -18.69 17.95
CA ASP C 272 -24.48 -18.73 19.41
C ASP C 272 -23.41 -19.63 19.99
N TRP C 273 -22.97 -20.63 19.23
CA TRP C 273 -21.86 -21.47 19.67
C TRP C 273 -20.52 -20.75 19.52
N TYR C 274 -20.36 -20.00 18.44
CA TYR C 274 -19.13 -19.24 18.22
C TYR C 274 -18.98 -18.12 19.24
N GLU C 275 -20.08 -17.51 19.67
CA GLU C 275 -19.99 -16.50 20.72
C GLU C 275 -19.52 -17.09 22.04
N GLU C 276 -19.97 -18.31 22.34
CA GLU C 276 -19.51 -18.97 23.56
C GLU C 276 -18.04 -19.33 23.48
N LEU C 277 -17.59 -19.80 22.31
CA LEU C 277 -16.17 -20.13 22.17
C LEU C 277 -15.28 -18.91 22.20
N VAL C 278 -15.74 -17.77 21.66
CA VAL C 278 -14.95 -16.56 21.75
C VAL C 278 -14.96 -16.01 23.17
N SER C 279 -16.08 -16.18 23.89
CA SER C 279 -16.14 -15.67 25.25
C SER C 279 -15.32 -16.51 26.23
N LYS C 280 -15.11 -17.79 25.93
CA LYS C 280 -14.35 -18.62 26.86
C LYS C 280 -12.87 -18.73 26.51
N TYR C 281 -12.51 -18.65 25.23
CA TYR C 281 -11.16 -18.92 24.77
C TYR C 281 -10.70 -17.81 23.83
N PRO C 282 -9.40 -17.48 23.81
CA PRO C 282 -8.97 -16.24 23.12
C PRO C 282 -8.86 -16.38 21.61
N ILE C 283 -9.95 -16.77 20.96
CA ILE C 283 -9.97 -16.89 19.50
C ILE C 283 -10.00 -15.50 18.89
N ILE C 284 -9.21 -15.30 17.84
CA ILE C 284 -9.16 -13.98 17.23
C ILE C 284 -9.48 -14.11 15.74
N SER C 285 -9.59 -15.32 15.23
CA SER C 285 -9.86 -15.48 13.81
C SER C 285 -10.63 -16.76 13.57
N ILE C 286 -11.67 -16.67 12.72
CA ILE C 286 -12.48 -17.82 12.36
C ILE C 286 -12.54 -17.91 10.84
N GLU C 287 -12.23 -19.08 10.30
CA GLU C 287 -12.18 -19.29 8.86
C GLU C 287 -13.30 -20.23 8.46
N ASP C 288 -14.15 -19.77 7.52
CA ASP C 288 -15.28 -20.52 6.96
C ASP C 288 -16.21 -21.04 8.05
N GLY C 289 -16.70 -20.10 8.87
CA GLY C 289 -17.55 -20.46 9.99
C GLY C 289 -18.89 -21.02 9.55
N LEU C 290 -19.44 -20.50 8.47
CA LEU C 290 -20.69 -20.98 7.90
C LEU C 290 -20.47 -21.25 6.42
N ASP C 291 -21.34 -22.06 5.84
CA ASP C 291 -21.22 -22.39 4.43
C ASP C 291 -21.52 -21.17 3.57
N GLU C 292 -20.94 -21.13 2.37
CA GLU C 292 -21.11 -19.99 1.48
C GLU C 292 -22.48 -19.94 0.80
N ASN C 293 -23.39 -20.85 1.12
CA ASN C 293 -24.77 -20.77 0.65
C ASN C 293 -25.74 -20.60 1.81
N ASP C 294 -25.32 -19.86 2.83
CA ASP C 294 -26.11 -19.64 4.05
C ASP C 294 -26.15 -18.17 4.39
N TRP C 295 -26.57 -17.36 3.41
CA TRP C 295 -26.53 -15.91 3.50
C TRP C 295 -27.36 -15.37 4.66
N GLU C 296 -28.49 -16.02 4.98
CA GLU C 296 -29.33 -15.57 6.07
C GLU C 296 -28.67 -15.76 7.42
N GLY C 297 -27.75 -16.72 7.53
CA GLY C 297 -26.99 -16.90 8.74
C GLY C 297 -25.66 -16.20 8.69
N HIS C 298 -25.10 -16.07 7.49
CA HIS C 298 -23.80 -15.44 7.34
C HIS C 298 -23.89 -13.93 7.57
N LYS C 299 -24.98 -13.32 7.14
CA LYS C 299 -25.21 -11.91 7.43
C LYS C 299 -25.45 -11.67 8.92
N LEU C 300 -26.00 -12.67 9.61
CA LEU C 300 -26.10 -12.60 11.05
C LEU C 300 -24.73 -12.67 11.72
N LEU C 301 -23.90 -13.62 11.27
CA LEU C 301 -22.60 -13.84 11.88
C LEU C 301 -21.66 -12.66 11.67
N THR C 302 -21.73 -12.01 10.51
CA THR C 302 -20.80 -10.93 10.24
C THR C 302 -21.12 -9.65 11.00
N GLU C 303 -22.21 -9.61 11.77
CA GLU C 303 -22.49 -8.48 12.64
C GLU C 303 -22.62 -8.86 14.10
N ARG C 304 -22.83 -10.15 14.42
CA ARG C 304 -22.78 -10.54 15.83
C ARG C 304 -21.37 -10.55 16.37
N LEU C 305 -20.37 -10.81 15.53
CA LEU C 305 -18.99 -10.92 15.99
C LEU C 305 -18.01 -10.07 15.21
N GLY C 306 -18.40 -9.51 14.07
CA GLY C 306 -17.47 -8.93 13.11
C GLY C 306 -16.74 -7.69 13.54
N LYS C 307 -16.90 -7.24 14.78
CA LYS C 307 -16.19 -6.09 15.30
C LYS C 307 -15.13 -6.47 16.32
N LYS C 308 -15.01 -7.74 16.67
CA LYS C 308 -13.97 -8.16 17.60
C LYS C 308 -13.34 -9.52 17.26
N VAL C 309 -13.73 -10.14 16.15
CA VAL C 309 -13.14 -11.40 15.68
C VAL C 309 -12.98 -11.31 14.18
N GLN C 310 -11.77 -11.53 13.69
CA GLN C 310 -11.53 -11.55 12.26
C GLN C 310 -12.25 -12.73 11.61
N LEU C 311 -12.94 -12.49 10.51
CA LEU C 311 -13.72 -13.51 9.83
C LEU C 311 -13.28 -13.58 8.37
N VAL C 312 -12.43 -14.54 8.02
CA VAL C 312 -11.95 -14.62 6.66
C VAL C 312 -12.91 -15.49 5.86
N GLY C 313 -12.83 -15.38 4.53
CA GLY C 313 -13.67 -16.18 3.66
C GLY C 313 -13.06 -16.39 2.29
N ASP C 314 -12.91 -17.64 1.88
CA ASP C 314 -12.18 -17.94 0.65
C ASP C 314 -13.08 -17.92 -0.58
N ASP C 315 -14.12 -18.75 -0.62
CA ASP C 315 -15.02 -18.80 -1.76
C ASP C 315 -16.03 -17.66 -1.74
N LEU C 316 -16.19 -17.00 -0.60
CA LEU C 316 -16.96 -15.76 -0.54
C LEU C 316 -16.28 -14.66 -1.33
N PHE C 317 -14.95 -14.69 -1.40
CA PHE C 317 -14.15 -13.73 -2.14
C PHE C 317 -13.23 -14.46 -3.08
N VAL C 318 -13.81 -15.37 -3.88
CA VAL C 318 -13.05 -16.26 -4.74
C VAL C 318 -12.32 -15.45 -5.82
N THR C 319 -11.09 -15.87 -6.12
CA THR C 319 -10.10 -15.00 -6.75
C THR C 319 -10.42 -14.81 -8.22
N ASN C 320 -11.08 -13.69 -8.53
CA ASN C 320 -11.42 -13.29 -9.89
C ASN C 320 -11.61 -11.78 -9.87
N THR C 321 -11.53 -11.17 -11.06
CA THR C 321 -11.71 -9.73 -11.16
C THR C 321 -13.17 -9.30 -11.01
N LYS C 322 -14.11 -10.24 -11.04
CA LYS C 322 -15.53 -9.95 -10.89
C LYS C 322 -16.12 -10.53 -9.62
N LYS C 323 -15.73 -11.76 -9.26
CA LYS C 323 -16.36 -12.45 -8.15
C LYS C 323 -15.78 -12.05 -6.80
N LEU C 324 -14.50 -11.67 -6.75
CA LEU C 324 -13.93 -11.19 -5.50
C LEU C 324 -14.49 -9.81 -5.14
N SER C 325 -14.91 -9.04 -6.14
CA SER C 325 -15.55 -7.74 -5.92
C SER C 325 -17.04 -7.85 -5.69
N GLU C 326 -17.60 -9.07 -5.61
CA GLU C 326 -19.03 -9.21 -5.40
C GLU C 326 -19.38 -9.17 -3.91
N GLY C 327 -18.65 -9.92 -3.09
CA GLY C 327 -18.90 -9.93 -1.66
C GLY C 327 -18.43 -8.69 -0.93
N ILE C 328 -17.68 -7.82 -1.61
CA ILE C 328 -17.28 -6.54 -1.03
C ILE C 328 -18.48 -5.62 -0.94
N LYS C 329 -19.39 -5.67 -1.92
CA LYS C 329 -20.45 -4.67 -2.05
C LYS C 329 -21.50 -4.82 -0.96
N ASN C 330 -21.93 -6.04 -0.68
CA ASN C 330 -22.89 -6.27 0.40
C ASN C 330 -22.24 -6.31 1.78
N GLY C 331 -20.92 -6.41 1.85
CA GLY C 331 -20.21 -6.29 3.10
C GLY C 331 -20.37 -7.45 4.07
N VAL C 332 -19.91 -8.64 3.68
CA VAL C 332 -19.92 -9.81 4.53
C VAL C 332 -18.47 -10.25 4.77
N GLY C 333 -18.13 -10.50 6.02
CA GLY C 333 -16.76 -10.77 6.41
C GLY C 333 -15.93 -9.49 6.47
N ASN C 334 -14.79 -9.58 7.15
CA ASN C 334 -13.93 -8.43 7.28
C ASN C 334 -12.47 -8.76 7.00
N SER C 335 -12.23 -9.78 6.17
CA SER C 335 -10.89 -10.18 5.74
C SER C 335 -11.01 -11.15 4.58
N ILE C 336 -10.10 -11.05 3.61
CA ILE C 336 -10.12 -11.98 2.49
C ILE C 336 -8.89 -12.85 2.56
N LEU C 337 -8.79 -13.81 1.65
CA LEU C 337 -7.79 -14.87 1.76
C LEU C 337 -7.04 -14.95 0.44
N ILE C 338 -5.87 -14.31 0.37
CA ILE C 338 -5.08 -14.29 -0.85
C ILE C 338 -4.39 -15.63 -1.02
N LYS C 339 -4.72 -16.33 -2.10
CA LYS C 339 -4.04 -17.57 -2.45
C LYS C 339 -3.30 -17.34 -3.75
N VAL C 340 -1.97 -17.39 -3.70
CA VAL C 340 -1.17 -16.89 -4.79
C VAL C 340 -1.18 -17.83 -5.98
N ASN C 341 -1.02 -19.12 -5.75
CA ASN C 341 -0.95 -20.04 -6.87
C ASN C 341 -2.31 -20.47 -7.40
N GLN C 342 -3.38 -19.78 -7.01
CA GLN C 342 -4.68 -19.92 -7.64
C GLN C 342 -5.11 -18.61 -8.27
N ILE C 343 -4.26 -17.59 -8.23
CA ILE C 343 -4.67 -16.26 -8.64
C ILE C 343 -3.92 -15.78 -9.88
N GLY C 344 -2.82 -16.42 -10.27
CA GLY C 344 -2.23 -16.11 -11.55
C GLY C 344 -0.86 -15.48 -11.48
N THR C 345 -0.78 -14.21 -11.85
CA THR C 345 0.49 -13.53 -12.04
C THR C 345 0.93 -12.85 -10.74
N LEU C 346 1.94 -11.99 -10.83
CA LEU C 346 2.28 -11.11 -9.71
C LEU C 346 1.66 -9.74 -9.82
N THR C 347 1.01 -9.41 -10.93
CA THR C 347 0.31 -8.13 -11.00
C THR C 347 -1.08 -8.26 -10.39
N GLU C 348 -1.76 -9.37 -10.66
CA GLU C 348 -3.08 -9.57 -10.10
C GLU C 348 -3.06 -9.80 -8.61
N THR C 349 -1.96 -10.34 -8.07
CA THR C 349 -1.82 -10.47 -6.63
C THR C 349 -1.73 -9.10 -5.98
N PHE C 350 -0.92 -8.19 -6.54
CA PHE C 350 -0.79 -6.89 -5.89
C PHE C 350 -1.96 -5.98 -6.21
N ASP C 351 -2.79 -6.30 -7.19
CA ASP C 351 -4.04 -5.56 -7.32
C ASP C 351 -5.11 -6.09 -6.39
N ALA C 352 -5.16 -7.41 -6.18
CA ALA C 352 -6.14 -7.97 -5.29
C ALA C 352 -5.83 -7.69 -3.83
N ILE C 353 -4.58 -7.40 -3.48
CA ILE C 353 -4.31 -6.94 -2.12
C ILE C 353 -4.70 -5.48 -1.96
N GLU C 354 -4.50 -4.67 -3.00
CA GLU C 354 -4.81 -3.24 -2.91
C GLU C 354 -6.31 -2.99 -2.87
N MET C 355 -7.09 -3.75 -3.64
CA MET C 355 -8.54 -3.63 -3.57
C MET C 355 -9.12 -4.11 -2.25
N ALA C 356 -8.38 -4.90 -1.48
CA ALA C 356 -8.81 -5.24 -0.14
C ALA C 356 -8.34 -4.24 0.89
N LYS C 357 -7.22 -3.56 0.64
CA LYS C 357 -6.82 -2.48 1.54
C LYS C 357 -7.75 -1.29 1.42
N ARG C 358 -8.32 -1.05 0.24
CA ARG C 358 -9.24 0.07 0.10
C ARG C 358 -10.53 -0.16 0.89
N ALA C 359 -11.17 -1.30 0.70
CA ALA C 359 -12.48 -1.54 1.28
C ALA C 359 -12.43 -1.96 2.75
N GLY C 360 -11.32 -1.70 3.46
CA GLY C 360 -11.26 -1.95 4.88
C GLY C 360 -10.98 -3.38 5.29
N TYR C 361 -10.71 -4.27 4.34
CA TYR C 361 -10.48 -5.65 4.66
C TYR C 361 -9.03 -5.88 5.08
N THR C 362 -8.68 -7.13 5.30
CA THR C 362 -7.36 -7.51 5.77
C THR C 362 -6.90 -8.73 4.99
N ALA C 363 -5.75 -8.63 4.34
CA ALA C 363 -5.24 -9.74 3.56
C ALA C 363 -4.57 -10.77 4.45
N VAL C 364 -4.78 -12.03 4.14
CA VAL C 364 -4.12 -13.15 4.82
C VAL C 364 -3.52 -14.02 3.74
N ILE C 365 -2.19 -14.10 3.69
CA ILE C 365 -1.54 -14.92 2.68
C ILE C 365 -1.76 -16.39 3.05
N SER C 366 -2.19 -17.18 2.08
CA SER C 366 -2.54 -18.55 2.39
C SER C 366 -2.21 -19.43 1.20
N HIS C 367 -2.67 -20.67 1.25
CA HIS C 367 -2.44 -21.63 0.20
C HIS C 367 -3.45 -22.75 0.33
N ARG C 368 -3.73 -23.40 -0.79
CA ARG C 368 -4.60 -24.57 -0.81
C ARG C 368 -3.92 -25.71 -0.10
N SER C 369 -4.72 -26.56 0.57
CA SER C 369 -4.23 -27.51 1.56
C SER C 369 -3.38 -28.65 1.00
N GLY C 370 -3.08 -28.70 -0.29
CA GLY C 370 -2.25 -29.76 -0.80
C GLY C 370 -1.13 -29.31 -1.72
N GLU C 371 -1.02 -28.00 -1.94
CA GLU C 371 0.00 -27.51 -2.86
C GLU C 371 1.37 -27.61 -2.23
N THR C 372 2.41 -27.40 -3.03
CA THR C 372 3.72 -27.53 -2.41
C THR C 372 4.11 -26.23 -1.72
N GLU C 373 4.64 -25.26 -2.50
CA GLU C 373 5.02 -23.90 -2.13
C GLU C 373 5.84 -23.29 -3.25
N ASP C 374 6.27 -22.05 -3.08
CA ASP C 374 7.66 -21.72 -3.35
C ASP C 374 8.14 -20.76 -2.28
N SER C 375 9.37 -20.28 -2.41
CA SER C 375 9.98 -19.42 -1.41
C SER C 375 9.87 -17.95 -1.75
N THR C 376 9.17 -17.61 -2.82
CA THR C 376 8.99 -16.21 -3.16
C THR C 376 7.77 -15.63 -2.44
N ILE C 377 6.95 -16.49 -1.83
CA ILE C 377 5.79 -16.01 -1.09
C ILE C 377 6.22 -15.29 0.18
N ALA C 378 7.38 -15.62 0.72
CA ALA C 378 7.89 -14.89 1.86
C ALA C 378 8.36 -13.49 1.52
N ASP C 379 8.60 -13.18 0.24
CA ASP C 379 8.89 -11.82 -0.18
C ASP C 379 7.65 -11.05 -0.55
N ILE C 380 6.60 -11.74 -1.01
CA ILE C 380 5.32 -11.10 -1.24
C ILE C 380 4.65 -10.77 0.09
N ALA C 381 4.92 -11.55 1.14
CA ALA C 381 4.32 -11.23 2.43
C ALA C 381 4.99 -10.06 3.12
N VAL C 382 6.21 -9.71 2.73
CA VAL C 382 6.87 -8.52 3.26
C VAL C 382 6.59 -7.30 2.39
N ALA C 383 6.60 -7.48 1.07
CA ALA C 383 6.49 -6.35 0.16
C ALA C 383 5.11 -5.74 0.11
N THR C 384 4.05 -6.50 0.45
CA THR C 384 2.71 -5.95 0.39
C THR C 384 2.19 -5.46 1.73
N ASN C 385 2.95 -5.67 2.81
CA ASN C 385 2.52 -5.48 4.19
C ASN C 385 1.21 -6.22 4.43
N ALA C 386 1.24 -7.52 4.17
CA ALA C 386 0.04 -8.32 4.29
C ALA C 386 -0.34 -8.53 5.74
N GLY C 387 0.62 -8.90 6.57
CA GLY C 387 0.35 -8.93 7.97
C GLY C 387 0.27 -10.31 8.57
N GLN C 388 -0.34 -11.27 7.88
CA GLN C 388 -0.41 -12.62 8.38
C GLN C 388 -0.05 -13.59 7.28
N ILE C 389 0.91 -14.45 7.54
CA ILE C 389 1.25 -15.52 6.61
C ILE C 389 0.90 -16.81 7.32
N LYS C 390 0.60 -17.84 6.54
CA LYS C 390 0.17 -19.12 7.09
C LYS C 390 1.26 -20.13 6.80
N THR C 391 2.19 -20.31 7.75
CA THR C 391 3.35 -21.16 7.54
C THR C 391 2.97 -22.61 7.81
N GLY C 392 2.20 -23.17 6.89
CA GLY C 392 2.01 -24.60 6.83
C GLY C 392 2.46 -25.10 5.48
N ALA C 393 2.76 -26.40 5.44
CA ALA C 393 3.30 -27.02 4.23
C ALA C 393 3.09 -28.51 4.36
N PRO C 394 2.97 -29.23 3.25
CA PRO C 394 2.73 -30.67 3.36
C PRO C 394 3.93 -31.47 3.83
N SER C 395 5.13 -30.91 3.80
CA SER C 395 6.30 -31.61 4.29
C SER C 395 7.19 -30.65 5.07
N ARG C 396 8.10 -31.20 5.86
CA ARG C 396 8.94 -30.38 6.73
C ARG C 396 9.94 -29.56 5.93
N THR C 397 10.49 -30.13 4.85
CA THR C 397 11.50 -29.40 4.08
C THR C 397 10.92 -28.25 3.26
N ASP C 398 9.60 -28.07 3.25
CA ASP C 398 9.02 -26.86 2.68
C ASP C 398 8.69 -25.85 3.78
N ARG C 399 8.31 -26.37 4.95
CA ARG C 399 8.02 -25.52 6.10
C ARG C 399 9.28 -24.80 6.58
N VAL C 400 10.39 -25.53 6.63
CA VAL C 400 11.65 -24.93 7.04
C VAL C 400 12.15 -23.97 5.97
N ALA C 401 11.82 -24.23 4.70
CA ALA C 401 12.18 -23.28 3.66
C ALA C 401 11.34 -22.01 3.73
N LYS C 402 10.14 -22.08 4.31
CA LYS C 402 9.42 -20.84 4.64
C LYS C 402 10.10 -20.09 5.78
N TYR C 403 10.48 -20.82 6.83
CA TYR C 403 11.05 -20.19 8.03
C TYR C 403 12.38 -19.52 7.73
N ASN C 404 13.26 -20.20 7.02
CA ASN C 404 14.57 -19.64 6.73
C ASN C 404 14.48 -18.48 5.76
N GLN C 405 13.51 -18.49 4.86
CA GLN C 405 13.36 -17.38 3.93
C GLN C 405 12.80 -16.15 4.63
N LEU C 406 11.95 -16.33 5.63
CA LEU C 406 11.55 -15.16 6.41
C LEU C 406 12.57 -14.75 7.45
N LEU C 407 13.53 -15.61 7.80
CA LEU C 407 14.59 -15.18 8.71
C LEU C 407 15.77 -14.56 8.00
N ARG C 408 15.97 -14.84 6.72
CA ARG C 408 17.03 -14.19 5.97
C ARG C 408 16.61 -12.84 5.40
N ILE C 409 15.42 -12.38 5.72
CA ILE C 409 15.00 -11.01 5.44
C ILE C 409 15.22 -10.11 6.64
N GLU C 410 14.94 -10.61 7.84
CA GLU C 410 15.22 -9.85 9.06
C GLU C 410 16.70 -9.63 9.26
N ASP C 411 17.54 -10.54 8.78
CA ASP C 411 18.98 -10.33 8.89
C ASP C 411 19.54 -9.36 7.88
N GLN C 412 18.75 -8.95 6.88
CA GLN C 412 19.15 -7.85 6.01
C GLN C 412 18.61 -6.51 6.45
N LEU C 413 17.53 -6.51 7.22
CA LEU C 413 16.86 -5.30 7.67
C LEU C 413 17.22 -5.00 9.11
N ALA C 414 18.51 -5.13 9.45
CA ALA C 414 18.98 -5.41 10.80
C ALA C 414 18.51 -4.40 11.85
N GLU C 415 18.78 -3.13 11.63
CA GLU C 415 18.35 -2.10 12.55
C GLU C 415 17.00 -1.51 12.18
N THR C 416 16.30 -2.09 11.21
CA THR C 416 15.17 -1.44 10.57
C THR C 416 13.90 -2.27 10.65
N ALA C 417 14.00 -3.59 10.79
CA ALA C 417 12.89 -4.51 10.63
C ALA C 417 11.82 -4.32 11.69
N GLN C 418 10.60 -4.05 11.25
CA GLN C 418 9.47 -3.93 12.15
C GLN C 418 8.91 -5.32 12.43
N TYR C 419 7.72 -5.36 13.02
CA TYR C 419 6.93 -6.56 13.21
C TYR C 419 5.53 -6.06 13.55
N HIS C 420 4.50 -6.75 13.06
CA HIS C 420 3.14 -6.30 13.34
C HIS C 420 2.79 -6.48 14.81
N GLY C 421 2.73 -7.71 15.28
CA GLY C 421 2.25 -7.92 16.62
C GLY C 421 0.75 -7.75 16.65
N ILE C 422 0.25 -6.92 17.58
CA ILE C 422 -1.18 -6.72 17.72
C ILE C 422 -1.69 -5.59 16.84
N ASN C 423 -0.79 -4.89 16.15
CA ASN C 423 -1.19 -3.78 15.30
C ASN C 423 -1.79 -4.21 13.98
N SER C 424 -1.83 -5.52 13.68
CA SER C 424 -2.51 -6.01 12.50
C SER C 424 -4.01 -6.15 12.72
N PHE C 425 -4.46 -6.04 13.96
CA PHE C 425 -5.88 -6.11 14.30
C PHE C 425 -6.43 -4.70 14.50
N TYR C 426 -6.44 -3.96 13.40
CA TYR C 426 -6.92 -2.59 13.38
C TYR C 426 -8.43 -2.49 13.27
N ASN C 427 -9.07 -3.42 12.58
CA ASN C 427 -10.51 -3.41 12.39
C ASN C 427 -11.25 -4.20 13.47
N LEU C 428 -10.68 -4.33 14.65
CA LEU C 428 -11.30 -5.10 15.72
C LEU C 428 -11.42 -4.27 17.00
N VAL D 7 28.53 -43.13 25.23
CA VAL D 7 27.52 -42.25 24.67
C VAL D 7 26.20 -42.47 25.38
N LEU D 8 25.21 -41.64 25.08
CA LEU D 8 23.95 -41.69 25.80
C LEU D 8 22.88 -41.04 24.93
N ARG D 9 21.87 -41.82 24.53
CA ARG D 9 20.68 -41.37 23.80
C ARG D 9 21.06 -40.71 22.46
N GLU D 10 21.49 -41.57 21.54
CA GLU D 10 21.77 -41.16 20.17
C GLU D 10 20.57 -40.44 19.53
N GLU D 11 19.41 -41.12 19.50
CA GLU D 11 18.10 -40.55 19.18
C GLU D 11 18.07 -39.92 17.78
N TYR D 12 18.12 -40.81 16.79
CA TYR D 12 18.02 -40.43 15.38
C TYR D 12 16.75 -39.64 15.10
N VAL D 13 16.94 -38.47 14.48
CA VAL D 13 15.84 -37.61 14.07
C VAL D 13 15.98 -37.56 12.55
N GLU D 14 15.20 -36.70 11.86
CA GLU D 14 15.04 -36.77 10.41
C GLU D 14 16.35 -36.59 9.66
N GLY D 15 16.94 -35.40 9.74
CA GLY D 15 18.15 -35.15 8.98
C GLY D 15 19.37 -34.97 9.85
N TYR D 16 19.22 -35.21 11.15
CA TYR D 16 20.26 -34.89 12.11
C TYR D 16 20.36 -36.02 13.12
N VAL D 17 21.36 -35.93 13.98
CA VAL D 17 21.43 -36.74 15.19
C VAL D 17 21.78 -35.82 16.35
N VAL D 18 21.15 -36.05 17.49
CA VAL D 18 21.39 -35.27 18.69
C VAL D 18 22.06 -36.20 19.70
N GLN D 19 23.37 -36.20 19.70
CA GLN D 19 24.16 -37.18 20.44
C GLN D 19 24.72 -36.51 21.70
N MET D 20 24.11 -36.81 22.84
CA MET D 20 24.78 -36.53 24.10
C MET D 20 25.98 -37.46 24.22
N TRP D 21 27.09 -36.93 24.72
CA TRP D 21 28.34 -37.68 24.73
C TRP D 21 28.31 -38.79 25.77
N ARG D 22 29.41 -39.54 25.81
CA ARG D 22 29.74 -40.31 26.99
C ARG D 22 30.07 -39.36 28.13
N ARG D 23 29.93 -39.87 29.36
CA ARG D 23 30.08 -39.03 30.54
C ARG D 23 31.51 -38.58 30.77
N ASN D 24 32.50 -39.31 30.21
CA ASN D 24 33.94 -39.09 30.35
C ASN D 24 34.31 -39.00 31.82
N PRO D 25 34.33 -40.16 32.54
CA PRO D 25 33.92 -40.25 33.96
C PRO D 25 34.34 -39.15 34.94
N SER D 26 33.40 -38.83 35.84
CA SER D 26 33.42 -37.65 36.72
C SER D 26 33.51 -36.36 35.89
N ASN D 27 32.52 -36.20 35.02
CA ASN D 27 32.41 -35.01 34.19
C ASN D 27 30.96 -34.89 33.72
N ALA D 28 30.50 -33.66 33.62
CA ALA D 28 29.15 -33.39 33.14
C ALA D 28 29.07 -33.61 31.64
N PRO D 29 28.06 -34.32 31.15
CA PRO D 29 27.95 -34.55 29.71
C PRO D 29 27.45 -33.31 28.98
N VAL D 30 27.64 -33.31 27.67
CA VAL D 30 27.27 -32.20 26.82
C VAL D 30 26.41 -32.74 25.67
N ILE D 31 25.54 -31.89 25.15
CA ILE D 31 24.65 -32.24 24.06
C ILE D 31 25.14 -31.52 22.80
N GLU D 32 25.29 -32.26 21.71
CA GLU D 32 25.70 -31.69 20.44
C GLU D 32 24.79 -32.18 19.32
N VAL D 33 24.65 -31.35 18.29
CA VAL D 33 23.79 -31.63 17.16
C VAL D 33 24.69 -31.84 15.94
N PHE D 34 24.69 -33.06 15.42
CA PHE D 34 25.42 -33.39 14.21
C PHE D 34 24.44 -33.54 13.06
N THR D 35 24.94 -33.38 11.85
CA THR D 35 24.17 -33.77 10.67
C THR D 35 24.49 -35.23 10.35
N GLU D 36 24.07 -35.72 9.18
CA GLU D 36 24.19 -37.14 8.86
C GLU D 36 25.64 -37.54 8.66
N ASP D 37 26.34 -36.83 7.77
CA ASP D 37 27.79 -36.93 7.71
C ASP D 37 28.40 -36.05 8.80
N ASN D 38 29.74 -36.04 8.86
CA ASN D 38 30.54 -35.16 9.70
C ASN D 38 30.19 -35.32 11.19
N LEU D 39 30.42 -36.53 11.68
CA LEU D 39 30.01 -36.91 13.02
C LEU D 39 31.02 -36.51 14.10
N GLU D 40 31.83 -35.49 13.84
CA GLU D 40 32.87 -35.08 14.77
C GLU D 40 32.95 -33.56 14.92
N GLU D 41 32.02 -32.79 14.35
CA GLU D 41 32.09 -31.34 14.40
C GLU D 41 31.36 -30.79 15.63
N GLY D 42 30.05 -30.98 15.69
CA GLY D 42 29.28 -30.65 16.88
C GLY D 42 28.92 -29.19 17.03
N ILE D 43 27.67 -28.92 17.40
CA ILE D 43 27.18 -27.57 17.67
C ILE D 43 26.55 -27.57 19.05
N ILE D 44 26.94 -26.60 19.88
CA ILE D 44 26.39 -26.46 21.22
C ILE D 44 25.10 -25.65 21.14
N PRO D 45 23.97 -26.20 21.56
CA PRO D 45 22.69 -25.50 21.38
C PRO D 45 22.33 -24.57 22.53
N GLU D 46 23.29 -24.28 23.41
CA GLU D 46 23.15 -23.37 24.56
C GLU D 46 22.03 -23.82 25.50
N TYR D 47 22.29 -24.97 26.12
CA TYR D 47 21.44 -25.49 27.18
C TYR D 47 21.78 -24.80 28.50
N VAL D 48 21.24 -25.29 29.61
CA VAL D 48 21.64 -24.76 30.91
C VAL D 48 22.08 -25.90 31.84
N THR D 49 21.53 -27.10 31.65
CA THR D 49 21.79 -28.19 32.59
C THR D 49 22.13 -29.52 31.93
N ALA D 50 21.63 -29.79 30.72
CA ALA D 50 21.73 -31.07 30.00
C ALA D 50 21.14 -32.21 30.85
N ASN D 51 19.85 -32.09 31.12
CA ASN D 51 19.08 -33.16 31.73
C ASN D 51 18.43 -34.00 30.61
N ASP D 52 17.50 -34.87 31.00
CA ASP D 52 16.71 -35.56 29.99
C ASP D 52 15.65 -34.65 29.40
N ASP D 53 15.07 -33.75 30.21
CA ASP D 53 14.07 -32.82 29.72
C ASP D 53 14.66 -31.81 28.75
N THR D 54 15.87 -31.33 29.05
CA THR D 54 16.58 -30.45 28.13
C THR D 54 16.91 -31.16 26.82
N PHE D 55 17.26 -32.43 26.91
CA PHE D 55 17.52 -33.23 25.72
C PHE D 55 16.27 -33.39 24.87
N ASP D 56 15.14 -33.63 25.52
CA ASP D 56 13.88 -33.74 24.78
C ASP D 56 13.46 -32.41 24.18
N ARG D 57 13.80 -31.31 24.86
CA ARG D 57 13.54 -29.98 24.30
C ARG D 57 14.35 -29.77 23.02
N ILE D 58 15.60 -30.22 23.02
CA ILE D 58 16.45 -30.06 21.84
C ILE D 58 15.97 -30.98 20.71
N VAL D 59 15.49 -32.18 21.06
CA VAL D 59 14.93 -33.09 20.06
C VAL D 59 13.68 -32.49 19.41
N ASP D 60 12.77 -31.95 20.22
CA ASP D 60 11.56 -31.37 19.67
C ASP D 60 11.81 -29.99 19.08
N ALA D 61 13.02 -29.44 19.27
CA ALA D 61 13.37 -28.22 18.57
C ALA D 61 14.06 -28.50 17.23
N VAL D 62 14.67 -29.68 17.08
CA VAL D 62 15.22 -30.04 15.78
C VAL D 62 14.10 -30.41 14.82
N GLU D 63 13.12 -31.20 15.28
CA GLU D 63 11.82 -31.24 14.62
C GLU D 63 11.19 -29.87 14.75
N PHE D 64 10.30 -29.54 13.80
CA PHE D 64 9.65 -28.24 13.58
C PHE D 64 10.63 -27.20 13.02
N GLY D 65 11.92 -27.49 13.05
CA GLY D 65 12.90 -26.76 12.26
C GLY D 65 13.29 -25.39 12.73
N TYR D 66 13.60 -25.22 14.01
CA TYR D 66 14.21 -23.99 14.46
C TYR D 66 15.07 -24.24 15.68
N LEU D 67 16.38 -24.20 15.49
CA LEU D 67 17.32 -23.90 16.56
C LEU D 67 17.93 -22.53 16.28
N GLU D 68 18.50 -21.92 17.31
CA GLU D 68 19.05 -20.58 17.19
C GLU D 68 20.53 -20.66 16.81
N GLU D 69 21.01 -21.89 16.71
CA GLU D 69 22.44 -22.13 16.63
C GLU D 69 22.85 -22.68 15.27
N LEU D 70 21.92 -23.24 14.52
CA LEU D 70 22.22 -23.87 13.25
C LEU D 70 21.13 -23.49 12.26
N GLU D 71 21.48 -23.50 10.97
CA GLU D 71 20.54 -23.06 9.94
C GLU D 71 19.39 -24.06 9.78
N LEU D 72 19.68 -25.34 10.01
CA LEU D 72 18.75 -26.46 9.82
C LEU D 72 18.13 -26.53 8.44
N VAL D 73 18.94 -26.84 7.43
CA VAL D 73 18.38 -27.08 6.10
C VAL D 73 17.62 -28.40 6.10
MG MG E . -5.10 23.46 1.63
MG MG F . -10.36 19.69 -0.34
#